data_7LVE
#
_entry.id   7LVE
#
_entity_poly.entity_id   1
_entity_poly.type   'polypeptide(L)'
_entity_poly.pdbx_seq_one_letter_code
;GMQDPQQQYHRCQRRCQIQEQSPERQRQCQQRCERQYKEQQGRERGP
;
_entity_poly.pdbx_strand_id   A
#
# COMPACT_ATOMS: atom_id res chain seq x y z
N GLY A 1 7.83 -14.76 8.91
CA GLY A 1 8.51 -13.52 9.42
C GLY A 1 8.52 -12.46 8.32
N MET A 2 9.25 -12.76 7.24
CA MET A 2 9.36 -11.83 6.10
C MET A 2 7.99 -11.61 5.44
N GLN A 3 7.19 -12.67 5.36
CA GLN A 3 5.86 -12.64 4.72
C GLN A 3 5.99 -12.41 3.22
N ASP A 4 5.06 -13.00 2.45
CA ASP A 4 5.09 -12.91 0.99
C ASP A 4 4.73 -11.48 0.47
N PRO A 5 5.17 -11.11 -0.76
CA PRO A 5 4.90 -9.75 -1.35
C PRO A 5 3.42 -9.47 -1.56
N GLN A 6 2.68 -10.48 -2.04
CA GLN A 6 1.26 -10.30 -2.34
C GLN A 6 0.49 -9.86 -1.09
N GLN A 7 0.96 -10.31 0.08
CA GLN A 7 0.38 -9.90 1.35
C GLN A 7 0.63 -8.40 1.56
N GLN A 8 1.85 -7.94 1.20
CA GLN A 8 2.22 -6.53 1.36
C GLN A 8 1.36 -5.61 0.48
N TYR A 9 1.10 -6.04 -0.76
CA TYR A 9 0.29 -5.24 -1.69
C TYR A 9 -1.12 -5.02 -1.12
N HIS A 10 -1.72 -6.10 -0.63
CA HIS A 10 -3.05 -6.03 -0.04
C HIS A 10 -3.06 -5.07 1.15
N ARG A 11 -1.97 -5.09 1.93
CA ARG A 11 -1.87 -4.25 3.13
C ARG A 11 -1.99 -2.74 2.80
N CYS A 12 -1.27 -2.28 1.75
CA CYS A 12 -1.28 -0.87 1.37
C CYS A 12 -2.68 -0.45 0.86
N GLN A 13 -3.31 -1.35 0.11
CA GLN A 13 -4.65 -1.14 -0.45
C GLN A 13 -5.73 -1.22 0.62
N ARG A 14 -5.55 -2.13 1.59
CA ARG A 14 -6.53 -2.37 2.62
C ARG A 14 -6.74 -1.12 3.42
N ARG A 15 -5.64 -0.50 3.83
CA ARG A 15 -5.70 0.75 4.52
C ARG A 15 -6.29 1.82 3.60
N CYS A 16 -5.91 1.74 2.33
CA CYS A 16 -6.35 2.71 1.32
C CYS A 16 -7.86 2.69 1.11
N GLN A 17 -8.45 1.49 1.04
CA GLN A 17 -9.89 1.36 0.78
C GLN A 17 -10.72 1.67 2.02
N ILE A 18 -10.21 1.25 3.20
CA ILE A 18 -10.92 1.49 4.46
C ILE A 18 -11.01 3.00 4.73
N GLN A 19 -9.90 3.71 4.51
CA GLN A 19 -9.83 5.16 4.75
C GLN A 19 -10.18 6.00 3.50
N GLU A 20 -10.49 5.31 2.38
CA GLU A 20 -10.82 5.98 1.11
C GLU A 20 -11.96 7.01 1.27
N GLN A 21 -12.69 6.95 2.39
CA GLN A 21 -13.82 7.85 2.64
C GLN A 21 -13.36 9.31 2.57
N SER A 22 -12.18 9.61 3.13
CA SER A 22 -11.65 10.96 3.08
C SER A 22 -10.67 11.13 1.88
N PRO A 23 -10.74 12.24 1.10
CA PRO A 23 -9.81 12.46 -0.08
C PRO A 23 -8.33 12.46 0.34
N GLU A 24 -8.04 13.09 1.48
CA GLU A 24 -6.67 13.18 1.97
C GLU A 24 -6.09 11.81 2.26
N ARG A 25 -6.91 10.93 2.86
CA ARG A 25 -6.51 9.57 3.19
C ARG A 25 -6.12 8.82 1.93
N GLN A 26 -6.84 9.08 0.83
CA GLN A 26 -6.55 8.45 -0.43
C GLN A 26 -5.13 8.79 -0.87
N ARG A 27 -4.76 10.06 -0.69
CA ARG A 27 -3.43 10.52 -1.07
C ARG A 27 -2.36 9.87 -0.21
N GLN A 28 -2.61 9.76 1.10
CA GLN A 28 -1.66 9.13 2.00
C GLN A 28 -1.50 7.65 1.73
N CYS A 29 -2.63 6.96 1.44
CA CYS A 29 -2.54 5.50 1.18
C CYS A 29 -1.92 5.21 -0.17
N GLN A 30 -2.26 6.03 -1.15
CA GLN A 30 -1.70 5.92 -2.48
C GLN A 30 -0.19 6.17 -2.44
N GLN A 31 0.22 7.16 -1.61
CA GLN A 31 1.65 7.45 -1.45
C GLN A 31 2.34 6.33 -0.68
N ARG A 32 1.67 5.81 0.36
CA ARG A 32 2.22 4.71 1.15
C ARG A 32 2.39 3.46 0.32
N CYS A 33 1.37 3.15 -0.50
CA CYS A 33 1.43 1.98 -1.39
C CYS A 33 2.41 2.21 -2.51
N GLU A 34 2.49 3.44 -3.01
CA GLU A 34 3.40 3.74 -4.11
C GLU A 34 4.86 3.46 -3.69
N ARG A 35 5.24 4.00 -2.53
CA ARG A 35 6.59 3.82 -2.01
C ARG A 35 6.80 2.39 -1.49
N GLN A 36 5.79 1.88 -0.78
CA GLN A 36 5.85 0.54 -0.20
C GLN A 36 5.90 -0.51 -1.30
N TYR A 37 5.12 -0.30 -2.36
CA TYR A 37 5.04 -1.23 -3.46
C TYR A 37 6.42 -1.40 -4.09
N LYS A 38 7.10 -0.25 -4.34
CA LYS A 38 8.44 -0.27 -4.94
C LYS A 38 9.41 -1.03 -4.05
N GLU A 39 9.29 -0.83 -2.73
CA GLU A 39 10.13 -1.52 -1.75
C GLU A 39 9.88 -3.03 -1.83
N GLN A 40 8.60 -3.39 -1.98
CA GLN A 40 8.18 -4.79 -2.10
C GLN A 40 8.83 -5.44 -3.34
N GLN A 41 8.86 -4.68 -4.44
CA GLN A 41 9.45 -5.15 -5.68
C GLN A 41 9.68 -3.98 -6.63
N GLY A 42 10.91 -3.50 -6.66
CA GLY A 42 11.28 -2.38 -7.53
C GLY A 42 11.02 -2.71 -8.99
N ARG A 43 11.33 -3.96 -9.37
CA ARG A 43 11.11 -4.41 -10.74
C ARG A 43 9.61 -4.45 -11.05
N GLU A 44 9.23 -3.86 -12.19
CA GLU A 44 7.82 -3.81 -12.61
C GLU A 44 6.96 -3.19 -11.51
N GLY A 1 11.40 -8.85 11.97
CA GLY A 1 10.27 -9.54 11.27
C GLY A 1 10.04 -8.88 9.92
N MET A 2 9.72 -9.71 8.92
CA MET A 2 9.47 -9.21 7.56
C MET A 2 8.17 -9.80 7.00
N GLN A 3 7.31 -8.93 6.47
CA GLN A 3 6.03 -9.35 5.88
C GLN A 3 6.23 -9.77 4.43
N ASP A 4 5.38 -10.69 3.96
CA ASP A 4 5.45 -11.18 2.59
C ASP A 4 5.06 -10.05 1.60
N PRO A 5 5.62 -10.03 0.37
CA PRO A 5 5.32 -8.95 -0.63
C PRO A 5 3.86 -8.97 -1.08
N GLN A 6 3.30 -10.19 -1.18
CA GLN A 6 1.90 -10.35 -1.56
C GLN A 6 1.00 -9.74 -0.50
N GLN A 7 1.36 -9.97 0.77
CA GLN A 7 0.61 -9.44 1.90
C GLN A 7 0.70 -7.92 1.95
N GLN A 8 1.90 -7.38 1.66
CA GLN A 8 2.11 -5.93 1.72
C GLN A 8 1.21 -5.20 0.73
N TYR A 9 1.09 -5.75 -0.48
CA TYR A 9 0.22 -5.16 -1.52
C TYR A 9 -1.24 -5.17 -1.05
N HIS A 10 -1.68 -6.31 -0.52
CA HIS A 10 -3.07 -6.45 -0.09
C HIS A 10 -3.41 -5.43 0.99
N ARG A 11 -2.53 -5.30 2.00
CA ARG A 11 -2.75 -4.35 3.11
C ARG A 11 -2.69 -2.88 2.66
N CYS A 12 -1.78 -2.54 1.73
CA CYS A 12 -1.61 -1.16 1.29
C CYS A 12 -2.90 -0.63 0.61
N GLN A 13 -3.53 -1.49 -0.20
CA GLN A 13 -4.75 -1.15 -0.92
C GLN A 13 -5.99 -1.37 -0.06
N ARG A 14 -5.97 -2.42 0.76
CA ARG A 14 -7.10 -2.74 1.63
C ARG A 14 -7.31 -1.60 2.59
N ARG A 15 -6.22 -1.17 3.21
CA ARG A 15 -6.25 -0.06 4.12
C ARG A 15 -6.70 1.21 3.37
N CYS A 16 -6.18 1.37 2.15
CA CYS A 16 -6.48 2.53 1.33
C CYS A 16 -7.98 2.60 0.98
N GLN A 17 -8.55 1.48 0.53
CA GLN A 17 -9.96 1.42 0.14
C GLN A 17 -10.88 1.52 1.35
N ILE A 18 -10.51 0.82 2.42
CA ILE A 18 -11.30 0.81 3.64
C ILE A 18 -11.35 2.21 4.26
N GLN A 19 -10.20 2.89 4.30
CA GLN A 19 -10.11 4.24 4.88
C GLN A 19 -10.44 5.34 3.86
N GLU A 20 -10.72 4.95 2.60
CA GLU A 20 -11.03 5.93 1.55
C GLU A 20 -12.28 6.72 1.93
N GLN A 21 -12.16 8.05 1.90
CA GLN A 21 -13.25 8.96 2.23
C GLN A 21 -12.82 10.39 2.00
N SER A 22 -11.78 10.80 2.75
CA SER A 22 -11.23 12.14 2.61
C SER A 22 -10.03 12.14 1.65
N PRO A 23 -9.76 13.26 0.93
CA PRO A 23 -8.62 13.33 -0.04
C PRO A 23 -7.28 12.97 0.63
N GLU A 24 -7.12 13.39 1.88
CA GLU A 24 -5.88 13.15 2.64
C GLU A 24 -5.64 11.65 2.84
N ARG A 25 -6.71 10.90 3.16
CA ARG A 25 -6.60 9.46 3.38
C ARG A 25 -6.14 8.74 2.12
N GLN A 26 -6.67 9.18 0.98
CA GLN A 26 -6.32 8.58 -0.30
C GLN A 26 -4.85 8.81 -0.60
N ARG A 27 -4.38 10.03 -0.36
CA ARG A 27 -2.98 10.39 -0.61
C ARG A 27 -2.05 9.64 0.34
N GLN A 28 -2.45 9.54 1.59
CA GLN A 28 -1.65 8.86 2.61
C GLN A 28 -1.53 7.37 2.32
N CYS A 29 -2.64 6.75 1.87
CA CYS A 29 -2.61 5.30 1.58
C CYS A 29 -2.00 5.00 0.22
N GLN A 30 -2.34 5.84 -0.76
CA GLN A 30 -1.81 5.70 -2.11
C GLN A 30 -0.30 5.96 -2.12
N GLN A 31 0.13 6.97 -1.35
CA GLN A 31 1.55 7.29 -1.27
C GLN A 31 2.31 6.14 -0.63
N ARG A 32 1.74 5.58 0.46
CA ARG A 32 2.37 4.48 1.16
C ARG A 32 2.39 3.20 0.33
N CYS A 33 1.28 2.90 -0.36
CA CYS A 33 1.22 1.71 -1.23
C CYS A 33 2.13 1.87 -2.41
N GLU A 34 2.14 3.06 -3.02
CA GLU A 34 2.98 3.31 -4.20
C GLU A 34 4.47 3.18 -3.87
N ARG A 35 4.91 3.76 -2.74
CA ARG A 35 6.30 3.69 -2.32
C ARG A 35 6.65 2.30 -1.82
N GLN A 36 5.75 1.73 -1.03
CA GLN A 36 5.96 0.41 -0.44
C GLN A 36 5.93 -0.69 -1.51
N TYR A 37 4.98 -0.56 -2.43
CA TYR A 37 4.78 -1.54 -3.49
C TYR A 37 6.05 -1.65 -4.37
N LYS A 38 6.55 -0.49 -4.80
CA LYS A 38 7.72 -0.43 -5.68
C LYS A 38 8.97 -1.00 -4.99
N GLU A 39 9.12 -0.66 -3.70
CA GLU A 39 10.29 -1.08 -2.93
C GLU A 39 10.40 -2.60 -2.86
N GLN A 40 9.25 -3.26 -2.60
CA GLN A 40 9.22 -4.73 -2.49
C GLN A 40 9.37 -5.43 -3.84
N GLN A 41 8.71 -4.89 -4.88
CA GLN A 41 8.75 -5.50 -6.21
C GLN A 41 10.19 -5.52 -6.75
N GLY A 42 10.86 -4.37 -6.63
CA GLY A 42 12.25 -4.24 -7.09
C GLY A 42 12.38 -4.61 -8.58
N ARG A 43 11.30 -4.38 -9.34
CA ARG A 43 11.27 -4.72 -10.76
C ARG A 43 11.72 -6.17 -10.99
N GLU A 44 11.82 -6.58 -12.26
CA GLU A 44 12.24 -7.94 -12.61
C GLU A 44 13.74 -8.11 -12.37
N GLY A 1 11.91 -9.23 8.96
CA GLY A 1 10.55 -9.80 8.79
C GLY A 1 9.89 -9.18 7.56
N MET A 2 9.40 -10.05 6.66
CA MET A 2 8.74 -9.58 5.43
C MET A 2 7.76 -10.64 4.89
N GLN A 3 6.85 -10.20 4.02
CA GLN A 3 5.84 -11.07 3.42
C GLN A 3 5.87 -10.97 1.90
N ASP A 4 5.11 -11.83 1.23
CA ASP A 4 5.06 -11.85 -0.24
C ASP A 4 4.50 -10.50 -0.79
N PRO A 5 4.97 -10.03 -1.97
CA PRO A 5 4.50 -8.72 -2.55
C PRO A 5 3.03 -8.75 -2.95
N GLN A 6 2.53 -9.95 -3.33
CA GLN A 6 1.14 -10.09 -3.76
C GLN A 6 0.20 -9.69 -2.62
N GLN A 7 0.46 -10.22 -1.43
CA GLN A 7 -0.32 -9.87 -0.25
C GLN A 7 0.03 -8.46 0.25
N GLN A 8 1.28 -8.03 -0.02
CA GLN A 8 1.73 -6.70 0.37
C GLN A 8 0.92 -5.63 -0.36
N TYR A 9 0.68 -5.87 -1.66
CA TYR A 9 -0.10 -4.94 -2.48
C TYR A 9 -1.53 -4.86 -1.96
N HIS A 10 -2.12 -6.02 -1.65
CA HIS A 10 -3.46 -6.06 -1.09
C HIS A 10 -3.49 -5.33 0.26
N ARG A 11 -2.41 -5.51 1.04
CA ARG A 11 -2.31 -4.94 2.39
C ARG A 11 -2.38 -3.40 2.37
N CYS A 12 -1.59 -2.75 1.48
CA CYS A 12 -1.55 -1.28 1.40
C CYS A 12 -2.94 -0.75 0.97
N GLN A 13 -3.60 -1.51 0.08
CA GLN A 13 -4.94 -1.18 -0.40
C GLN A 13 -5.98 -1.39 0.69
N ARG A 14 -5.80 -2.44 1.50
CA ARG A 14 -6.73 -2.75 2.57
C ARG A 14 -6.72 -1.63 3.58
N ARG A 15 -5.51 -1.19 3.94
CA ARG A 15 -5.34 -0.05 4.82
C ARG A 15 -5.90 1.20 4.15
N CYS A 16 -5.70 1.30 2.83
CA CYS A 16 -6.21 2.42 2.06
C CYS A 16 -7.73 2.49 2.17
N GLN A 17 -8.40 1.34 2.02
CA GLN A 17 -9.86 1.28 2.08
C GLN A 17 -10.36 1.62 3.47
N ILE A 18 -9.66 1.11 4.49
CA ILE A 18 -10.04 1.35 5.86
C ILE A 18 -9.92 2.86 6.16
N GLN A 19 -8.80 3.43 5.75
CA GLN A 19 -8.50 4.85 5.93
C GLN A 19 -9.39 5.73 5.03
N GLU A 20 -9.72 5.22 3.84
CA GLU A 20 -10.48 5.98 2.84
C GLU A 20 -11.66 6.72 3.44
N GLN A 21 -11.62 8.04 3.31
CA GLN A 21 -12.70 8.92 3.77
C GLN A 21 -12.75 10.14 2.86
N SER A 22 -11.68 10.94 2.90
CA SER A 22 -11.55 12.10 2.05
C SER A 22 -10.71 11.77 0.79
N PRO A 23 -10.89 12.50 -0.34
CA PRO A 23 -10.08 12.26 -1.58
C PRO A 23 -8.57 12.34 -1.29
N GLU A 24 -8.21 13.24 -0.37
CA GLU A 24 -6.82 13.43 0.03
C GLU A 24 -6.27 12.17 0.69
N ARG A 25 -7.11 11.50 1.48
CA ARG A 25 -6.73 10.29 2.19
C ARG A 25 -6.33 9.19 1.20
N GLN A 26 -7.06 9.12 0.09
CA GLN A 26 -6.77 8.13 -0.95
C GLN A 26 -5.38 8.41 -1.55
N ARG A 27 -5.06 9.70 -1.74
CA ARG A 27 -3.75 10.08 -2.26
C ARG A 27 -2.67 9.65 -1.27
N GLN A 28 -2.96 9.83 0.02
CA GLN A 28 -2.05 9.46 1.09
C GLN A 28 -1.85 7.94 1.14
N CYS A 29 -2.95 7.17 0.95
CA CYS A 29 -2.84 5.69 1.01
C CYS A 29 -2.09 5.16 -0.22
N GLN A 30 -2.38 5.75 -1.37
CA GLN A 30 -1.75 5.40 -2.62
C GLN A 30 -0.27 5.74 -2.58
N GLN A 31 0.06 6.90 -1.98
CA GLN A 31 1.44 7.31 -1.85
C GLN A 31 2.18 6.33 -0.96
N ARG A 32 1.51 5.91 0.13
CA ARG A 32 2.10 4.96 1.06
C ARG A 32 2.29 3.59 0.41
N CYS A 33 1.28 3.15 -0.35
CA CYS A 33 1.35 1.87 -1.06
C CYS A 33 2.45 1.90 -2.10
N GLU A 34 2.53 2.98 -2.86
CA GLU A 34 3.53 3.08 -3.93
C GLU A 34 4.97 3.03 -3.39
N ARG A 35 5.24 3.81 -2.34
CA ARG A 35 6.57 3.86 -1.74
C ARG A 35 6.88 2.60 -0.95
N GLN A 36 5.88 2.16 -0.16
CA GLN A 36 6.03 0.98 0.68
C GLN A 36 6.11 -0.30 -0.16
N TYR A 37 5.30 -0.37 -1.21
CA TYR A 37 5.26 -1.54 -2.07
C TYR A 37 6.64 -1.77 -2.69
N LYS A 38 7.22 -0.68 -3.24
CA LYS A 38 8.52 -0.75 -3.90
C LYS A 38 9.60 -1.22 -2.92
N GLU A 39 9.54 -0.71 -1.68
CA GLU A 39 10.51 -1.08 -0.66
C GLU A 39 10.46 -2.59 -0.37
N GLN A 40 9.24 -3.13 -0.31
CA GLN A 40 9.05 -4.56 -0.03
C GLN A 40 9.68 -5.43 -1.14
N GLN A 41 9.51 -5.00 -2.40
CA GLN A 41 10.06 -5.74 -3.54
C GLN A 41 10.08 -4.88 -4.79
N GLY A 42 11.20 -4.18 -4.99
CA GLY A 42 11.38 -3.33 -6.16
C GLY A 42 12.35 -3.98 -7.15
N ARG A 43 11.80 -4.61 -8.18
CA ARG A 43 12.62 -5.28 -9.21
C ARG A 43 13.45 -4.27 -9.97
N GLU A 44 14.68 -4.67 -10.33
CA GLU A 44 15.59 -3.80 -11.07
C GLU A 44 15.05 -3.52 -12.47
N GLY A 1 8.29 -14.04 9.32
CA GLY A 1 9.66 -13.47 9.21
C GLY A 1 9.73 -12.52 8.01
N MET A 2 9.18 -12.96 6.87
CA MET A 2 9.16 -12.16 5.66
C MET A 2 7.85 -12.34 4.90
N GLN A 3 7.32 -11.24 4.35
CA GLN A 3 6.06 -11.27 3.60
C GLN A 3 6.31 -10.97 2.13
N ASP A 4 5.55 -11.65 1.25
CA ASP A 4 5.70 -11.48 -0.20
C ASP A 4 5.12 -10.12 -0.68
N PRO A 5 5.55 -9.60 -1.85
CA PRO A 5 5.04 -8.29 -2.40
C PRO A 5 3.55 -8.31 -2.67
N GLN A 6 3.03 -9.47 -3.14
CA GLN A 6 1.62 -9.62 -3.48
C GLN A 6 0.77 -9.36 -2.24
N GLN A 7 1.19 -9.94 -1.11
CA GLN A 7 0.50 -9.75 0.15
C GLN A 7 0.63 -8.29 0.59
N GLN A 8 1.82 -7.71 0.38
CA GLN A 8 2.07 -6.32 0.77
C GLN A 8 1.18 -5.34 0.01
N TYR A 9 0.99 -5.59 -1.29
CA TYR A 9 0.15 -4.72 -2.12
C TYR A 9 -1.27 -4.71 -1.58
N HIS A 10 -1.79 -5.89 -1.33
CA HIS A 10 -3.15 -6.05 -0.80
C HIS A 10 -3.24 -5.39 0.58
N ARG A 11 -2.21 -5.60 1.40
CA ARG A 11 -2.21 -5.08 2.77
C ARG A 11 -2.30 -3.53 2.81
N CYS A 12 -1.49 -2.86 1.97
CA CYS A 12 -1.48 -1.40 1.92
C CYS A 12 -2.74 -0.83 1.26
N GLN A 13 -3.23 -1.52 0.23
CA GLN A 13 -4.46 -1.13 -0.47
C GLN A 13 -5.69 -1.34 0.39
N ARG A 14 -5.69 -2.43 1.15
CA ARG A 14 -6.81 -2.77 2.01
C ARG A 14 -6.99 -1.69 3.05
N ARG A 15 -5.87 -1.32 3.67
CA ARG A 15 -5.87 -0.24 4.63
C ARG A 15 -6.27 1.06 3.95
N CYS A 16 -5.77 1.23 2.72
CA CYS A 16 -6.03 2.41 1.93
C CYS A 16 -7.53 2.59 1.64
N GLN A 17 -8.19 1.50 1.21
CA GLN A 17 -9.62 1.53 0.89
C GLN A 17 -10.44 1.74 2.15
N ILE A 18 -10.06 1.05 3.23
CA ILE A 18 -10.76 1.14 4.50
C ILE A 18 -10.66 2.56 5.10
N GLN A 19 -9.47 3.17 4.98
CA GLN A 19 -9.22 4.50 5.54
C GLN A 19 -9.80 5.64 4.69
N GLU A 20 -10.42 5.30 3.53
CA GLU A 20 -10.99 6.32 2.65
C GLU A 20 -11.99 7.20 3.39
N GLN A 21 -11.73 8.51 3.35
CA GLN A 21 -12.62 9.50 3.96
C GLN A 21 -12.52 10.80 3.18
N SER A 22 -11.35 11.46 3.29
CA SER A 22 -11.07 12.68 2.55
C SER A 22 -10.28 12.34 1.27
N PRO A 23 -10.38 13.16 0.20
CA PRO A 23 -9.61 12.89 -1.07
C PRO A 23 -8.12 12.75 -0.79
N GLU A 24 -7.62 13.56 0.14
CA GLU A 24 -6.21 13.54 0.53
C GLU A 24 -5.81 12.20 1.15
N ARG A 25 -6.70 11.61 1.96
CA ARG A 25 -6.42 10.35 2.64
C ARG A 25 -6.21 9.22 1.63
N GLN A 26 -7.03 9.20 0.58
CA GLN A 26 -6.93 8.18 -0.46
C GLN A 26 -5.57 8.27 -1.13
N ARG A 27 -5.18 9.50 -1.49
CA ARG A 27 -3.88 9.73 -2.11
C ARG A 27 -2.76 9.38 -1.16
N GLN A 28 -2.95 9.72 0.10
CA GLN A 28 -1.96 9.45 1.14
C GLN A 28 -1.74 7.95 1.28
N CYS A 29 -2.83 7.16 1.26
CA CYS A 29 -2.69 5.70 1.39
C CYS A 29 -2.26 5.04 0.09
N GLN A 30 -2.70 5.61 -1.04
CA GLN A 30 -2.29 5.12 -2.35
C GLN A 30 -0.79 5.34 -2.55
N GLN A 31 -0.30 6.50 -2.09
CA GLN A 31 1.12 6.81 -2.17
C GLN A 31 1.92 5.93 -1.23
N ARG A 32 1.37 5.70 -0.02
CA ARG A 32 2.02 4.83 0.95
C ARG A 32 2.10 3.39 0.45
N CYS A 33 1.01 2.91 -0.17
CA CYS A 33 0.98 1.57 -0.77
C CYS A 33 1.94 1.50 -1.92
N GLU A 34 1.95 2.54 -2.76
CA GLU A 34 2.82 2.56 -3.94
C GLU A 34 4.30 2.55 -3.55
N ARG A 35 4.69 3.43 -2.60
CA ARG A 35 6.08 3.51 -2.15
C ARG A 35 6.46 2.29 -1.32
N GLN A 36 5.55 1.88 -0.45
CA GLN A 36 5.77 0.71 0.39
C GLN A 36 5.84 -0.55 -0.46
N TYR A 37 5.01 -0.60 -1.50
CA TYR A 37 4.92 -1.75 -2.37
C TYR A 37 6.30 -2.04 -2.97
N LYS A 38 6.93 -1.00 -3.55
CA LYS A 38 8.23 -1.15 -4.21
C LYS A 38 9.36 -1.43 -3.19
N GLU A 39 9.23 -0.89 -1.98
CA GLU A 39 10.27 -1.04 -0.95
C GLU A 39 10.48 -2.53 -0.62
N GLN A 40 9.37 -3.23 -0.34
CA GLN A 40 9.43 -4.66 -0.02
C GLN A 40 9.78 -5.48 -1.26
N GLN A 41 9.22 -5.07 -2.41
CA GLN A 41 9.44 -5.76 -3.68
C GLN A 41 10.93 -5.73 -4.05
N GLY A 42 11.57 -4.58 -3.86
CA GLY A 42 12.99 -4.41 -4.15
C GLY A 42 13.25 -3.82 -5.55
N ARG A 43 12.23 -3.87 -6.44
CA ARG A 43 12.35 -3.31 -7.78
C ARG A 43 10.97 -3.04 -8.40
N GLU A 44 10.96 -2.22 -9.46
CA GLU A 44 9.71 -1.88 -10.16
C GLU A 44 9.75 -2.41 -11.60
N GLY A 1 9.27 -9.17 11.27
CA GLY A 1 9.65 -10.61 11.31
C GLY A 1 9.51 -11.22 9.92
N MET A 2 8.74 -12.31 9.83
CA MET A 2 8.52 -13.00 8.55
C MET A 2 7.11 -12.75 8.05
N GLN A 3 7.00 -12.05 6.91
CA GLN A 3 5.70 -11.74 6.30
C GLN A 3 5.75 -11.98 4.80
N ASP A 4 4.61 -12.42 4.24
CA ASP A 4 4.50 -12.66 2.81
C ASP A 4 4.44 -11.33 2.02
N PRO A 5 4.93 -11.28 0.76
CA PRO A 5 4.90 -10.03 -0.05
C PRO A 5 3.54 -9.81 -0.74
N GLN A 6 2.86 -10.92 -1.08
CA GLN A 6 1.57 -10.86 -1.75
C GLN A 6 0.53 -10.16 -0.87
N GLN A 7 0.52 -10.53 0.42
CA GLN A 7 -0.40 -9.91 1.37
C GLN A 7 -0.03 -8.44 1.63
N GLN A 8 1.27 -8.11 1.44
CA GLN A 8 1.73 -6.75 1.64
C GLN A 8 1.06 -5.80 0.64
N TYR A 9 0.97 -6.26 -0.62
CA TYR A 9 0.29 -5.49 -1.68
C TYR A 9 -1.18 -5.29 -1.31
N HIS A 10 -1.82 -6.38 -0.88
CA HIS A 10 -3.22 -6.32 -0.47
C HIS A 10 -3.37 -5.34 0.69
N ARG A 11 -2.40 -5.35 1.60
CA ARG A 11 -2.43 -4.49 2.79
C ARG A 11 -2.45 -2.99 2.43
N CYS A 12 -1.61 -2.58 1.46
CA CYS A 12 -1.50 -1.16 1.09
C CYS A 12 -2.81 -0.64 0.46
N GLN A 13 -3.41 -1.44 -0.44
CA GLN A 13 -4.65 -1.07 -1.13
C GLN A 13 -5.89 -1.24 -0.24
N ARG A 14 -5.93 -2.36 0.48
CA ARG A 14 -7.07 -2.68 1.34
C ARG A 14 -7.19 -1.66 2.42
N ARG A 15 -6.05 -1.34 3.04
CA ARG A 15 -6.01 -0.32 4.07
C ARG A 15 -6.43 1.01 3.46
N CYS A 16 -5.96 1.26 2.23
CA CYS A 16 -6.27 2.49 1.52
C CYS A 16 -7.78 2.63 1.29
N GLN A 17 -8.42 1.53 0.86
CA GLN A 17 -9.86 1.54 0.61
C GLN A 17 -10.62 1.74 1.90
N ILE A 18 -10.16 1.08 2.97
CA ILE A 18 -10.79 1.18 4.27
C ILE A 18 -10.68 2.64 4.79
N GLN A 19 -9.48 3.21 4.64
CA GLN A 19 -9.22 4.59 5.09
C GLN A 19 -9.67 5.64 4.05
N GLU A 20 -10.18 5.17 2.90
CA GLU A 20 -10.63 6.06 1.82
C GLU A 20 -11.75 7.01 2.32
N GLN A 21 -12.54 7.59 1.38
CA GLN A 21 -13.64 8.54 1.68
C GLN A 21 -13.10 9.96 1.85
N SER A 22 -11.97 10.08 2.56
CA SER A 22 -11.33 11.38 2.75
C SER A 22 -10.22 11.58 1.69
N PRO A 23 -9.99 12.82 1.18
CA PRO A 23 -8.95 13.08 0.13
C PRO A 23 -7.53 12.91 0.67
N GLU A 24 -7.29 13.40 1.90
CA GLU A 24 -5.96 13.32 2.52
C GLU A 24 -5.57 11.85 2.76
N ARG A 25 -6.51 11.07 3.29
CA ARG A 25 -6.27 9.66 3.58
C ARG A 25 -6.02 8.86 2.31
N GLN A 26 -6.79 9.18 1.25
CA GLN A 26 -6.64 8.50 -0.03
C GLN A 26 -5.25 8.74 -0.58
N ARG A 27 -4.79 9.99 -0.49
CA ARG A 27 -3.45 10.36 -0.96
C ARG A 27 -2.38 9.72 -0.09
N GLN A 28 -2.64 9.69 1.21
CA GLN A 28 -1.70 9.12 2.18
C GLN A 28 -1.52 7.62 1.94
N CYS A 29 -2.63 6.92 1.65
CA CYS A 29 -2.54 5.46 1.44
C CYS A 29 -2.11 5.12 0.02
N GLN A 30 -2.60 5.89 -0.95
CA GLN A 30 -2.19 5.73 -2.34
C GLN A 30 -0.72 6.01 -2.48
N GLN A 31 -0.25 7.06 -1.80
CA GLN A 31 1.17 7.39 -1.79
C GLN A 31 1.95 6.29 -1.09
N ARG A 32 1.37 5.78 0.01
CA ARG A 32 2.02 4.73 0.78
C ARG A 32 2.23 3.47 -0.05
N CYS A 33 1.18 3.02 -0.76
CA CYS A 33 1.27 1.81 -1.57
C CYS A 33 2.22 2.01 -2.73
N GLU A 34 2.19 3.18 -3.35
CA GLU A 34 3.05 3.43 -4.51
C GLU A 34 4.54 3.36 -4.14
N ARG A 35 4.92 4.02 -3.03
CA ARG A 35 6.30 4.01 -2.57
C ARG A 35 6.67 2.68 -1.93
N GLN A 36 5.77 2.16 -1.10
CA GLN A 36 6.02 0.92 -0.38
C GLN A 36 6.07 -0.27 -1.32
N TYR A 37 5.13 -0.30 -2.28
CA TYR A 37 5.06 -1.39 -3.23
C TYR A 37 6.35 -1.45 -4.05
N LYS A 38 6.76 -0.29 -4.58
CA LYS A 38 7.97 -0.18 -5.39
C LYS A 38 9.21 -0.50 -4.58
N GLU A 39 9.23 -0.07 -3.32
CA GLU A 39 10.37 -0.32 -2.43
C GLU A 39 10.57 -1.83 -2.25
N GLN A 40 9.46 -2.54 -2.09
CA GLN A 40 9.49 -4.00 -1.91
C GLN A 40 10.12 -4.66 -3.15
N GLN A 41 9.73 -4.19 -4.34
CA GLN A 41 10.26 -4.70 -5.60
C GLN A 41 10.05 -3.71 -6.74
N GLY A 42 8.78 -3.48 -7.10
CA GLY A 42 8.42 -2.54 -8.18
C GLY A 42 8.54 -3.18 -9.58
N ARG A 43 8.90 -4.47 -9.64
CA ARG A 43 9.05 -5.17 -10.91
C ARG A 43 7.73 -5.20 -11.67
N GLU A 44 6.63 -5.48 -10.95
CA GLU A 44 5.30 -5.54 -11.56
C GLU A 44 4.89 -4.19 -12.14
N GLY A 1 3.98 -18.56 3.14
CA GLY A 1 4.58 -17.23 2.78
C GLY A 1 4.55 -16.32 4.00
N MET A 2 5.70 -16.21 4.67
CA MET A 2 5.82 -15.37 5.86
C MET A 2 5.52 -13.91 5.50
N GLN A 3 6.11 -13.44 4.39
CA GLN A 3 5.91 -12.07 3.92
C GLN A 3 5.88 -12.03 2.39
N ASP A 4 4.77 -12.50 1.81
CA ASP A 4 4.61 -12.53 0.35
C ASP A 4 4.40 -11.12 -0.24
N PRO A 5 4.94 -10.80 -1.43
CA PRO A 5 4.75 -9.46 -2.09
C PRO A 5 3.26 -9.17 -2.32
N GLN A 6 2.53 -10.21 -2.73
CA GLN A 6 1.09 -10.10 -2.98
C GLN A 6 0.35 -9.74 -1.71
N GLN A 7 0.75 -10.38 -0.60
CA GLN A 7 0.16 -10.09 0.70
C GLN A 7 0.49 -8.67 1.13
N GLN A 8 1.73 -8.23 0.88
CA GLN A 8 2.17 -6.89 1.23
C GLN A 8 1.40 -5.83 0.41
N TYR A 9 1.19 -6.12 -0.88
CA TYR A 9 0.43 -5.25 -1.77
C TYR A 9 -1.01 -5.12 -1.26
N HIS A 10 -1.57 -6.25 -0.83
CA HIS A 10 -2.93 -6.27 -0.32
C HIS A 10 -3.06 -5.33 0.90
N ARG A 11 -2.02 -5.33 1.75
CA ARG A 11 -2.01 -4.51 2.96
C ARG A 11 -2.10 -3.00 2.69
N CYS A 12 -1.31 -2.51 1.71
CA CYS A 12 -1.27 -1.09 1.41
C CYS A 12 -2.63 -0.61 0.85
N GLN A 13 -3.22 -1.44 -0.01
CA GLN A 13 -4.51 -1.16 -0.62
C GLN A 13 -5.65 -1.32 0.39
N ARG A 14 -5.54 -2.34 1.24
CA ARG A 14 -6.56 -2.64 2.23
C ARG A 14 -6.67 -1.50 3.21
N ARG A 15 -5.51 -1.05 3.69
CA ARG A 15 -5.46 0.08 4.60
C ARG A 15 -6.02 1.31 3.88
N CYS A 16 -5.66 1.42 2.59
CA CYS A 16 -6.09 2.54 1.76
C CYS A 16 -7.61 2.57 1.59
N GLN A 17 -8.22 1.40 1.31
CA GLN A 17 -9.67 1.32 1.10
C GLN A 17 -10.43 1.61 2.38
N ILE A 18 -9.94 1.05 3.49
CA ILE A 18 -10.56 1.26 4.78
C ILE A 18 -10.43 2.72 5.20
N GLN A 19 -9.22 3.26 5.03
CA GLN A 19 -8.92 4.65 5.36
C GLN A 19 -9.70 5.61 4.45
N GLU A 20 -9.87 5.20 3.18
CA GLU A 20 -10.52 6.06 2.17
C GLU A 20 -11.82 6.66 2.72
N GLN A 21 -11.84 7.99 2.75
CA GLN A 21 -13.01 8.76 3.18
C GLN A 21 -12.93 10.15 2.55
N SER A 22 -11.88 10.88 2.91
CA SER A 22 -11.62 12.19 2.34
C SER A 22 -10.61 12.06 1.17
N PRO A 23 -10.62 12.99 0.19
CA PRO A 23 -9.67 12.92 -0.98
C PRO A 23 -8.21 12.79 -0.53
N GLU A 24 -7.87 13.51 0.55
CA GLU A 24 -6.51 13.48 1.11
C GLU A 24 -6.13 12.10 1.62
N ARG A 25 -7.08 11.42 2.25
CA ARG A 25 -6.86 10.09 2.82
C ARG A 25 -6.48 9.08 1.74
N GLN A 26 -7.16 9.19 0.60
CA GLN A 26 -6.91 8.30 -0.53
C GLN A 26 -5.50 8.53 -1.08
N ARG A 27 -5.14 9.81 -1.21
CA ARG A 27 -3.84 10.20 -1.74
C ARG A 27 -2.73 9.69 -0.87
N GLN A 28 -2.87 9.89 0.43
CA GLN A 28 -1.84 9.52 1.36
C GLN A 28 -1.66 8.01 1.43
N CYS A 29 -2.78 7.24 1.28
CA CYS A 29 -2.65 5.77 1.30
C CYS A 29 -2.15 5.23 -0.04
N GLN A 30 -2.57 5.89 -1.13
CA GLN A 30 -2.07 5.54 -2.46
C GLN A 30 -0.57 5.80 -2.54
N GLN A 31 -0.14 6.93 -1.94
CA GLN A 31 1.28 7.25 -1.84
C GLN A 31 1.98 6.26 -0.93
N ARG A 32 1.29 5.87 0.16
CA ARG A 32 1.83 4.91 1.10
C ARG A 32 2.12 3.59 0.39
N CYS A 33 1.17 3.15 -0.44
CA CYS A 33 1.35 1.94 -1.25
C CYS A 33 2.38 2.16 -2.33
N GLU A 34 2.46 3.38 -2.87
CA GLU A 34 3.42 3.67 -3.94
C GLU A 34 4.86 3.43 -3.45
N ARG A 35 5.20 4.02 -2.29
CA ARG A 35 6.52 3.84 -1.69
C ARG A 35 6.67 2.45 -1.07
N GLN A 36 5.62 1.98 -0.42
CA GLN A 36 5.63 0.67 0.22
C GLN A 36 5.79 -0.44 -0.82
N TYR A 37 5.10 -0.27 -1.95
CA TYR A 37 5.14 -1.22 -3.04
C TYR A 37 6.58 -1.37 -3.57
N LYS A 38 7.25 -0.23 -3.76
CA LYS A 38 8.61 -0.22 -4.28
C LYS A 38 9.54 -0.97 -3.33
N GLU A 39 9.31 -0.81 -2.02
CA GLU A 39 10.10 -1.50 -1.00
C GLU A 39 9.96 -3.02 -1.14
N GLN A 40 8.74 -3.46 -1.46
CA GLN A 40 8.46 -4.90 -1.62
C GLN A 40 9.34 -5.48 -2.72
N GLN A 41 9.50 -4.71 -3.82
CA GLN A 41 10.33 -5.14 -4.94
C GLN A 41 9.97 -6.56 -5.39
N GLY A 42 8.85 -6.67 -6.12
CA GLY A 42 8.38 -7.95 -6.63
C GLY A 42 9.42 -8.59 -7.54
N ARG A 43 10.11 -7.75 -8.34
CA ARG A 43 11.12 -8.23 -9.29
C ARG A 43 12.30 -8.88 -8.57
N GLU A 44 12.60 -10.14 -8.96
CA GLU A 44 13.72 -10.87 -8.37
C GLU A 44 15.00 -10.64 -9.17
N GLY A 1 10.30 -11.50 3.41
CA GLY A 1 10.65 -11.50 4.86
C GLY A 1 9.39 -11.83 5.68
N MET A 2 9.19 -11.06 6.75
CA MET A 2 8.03 -11.26 7.63
C MET A 2 6.73 -11.05 6.85
N GLN A 3 6.69 -10.01 6.01
CA GLN A 3 5.51 -9.70 5.21
C GLN A 3 5.75 -10.06 3.74
N ASP A 4 4.86 -10.89 3.19
CA ASP A 4 4.96 -11.30 1.79
C ASP A 4 4.63 -10.13 0.83
N PRO A 5 5.24 -10.08 -0.37
CA PRO A 5 4.98 -8.95 -1.34
C PRO A 5 3.53 -8.95 -1.86
N GLN A 6 2.99 -10.16 -2.13
CA GLN A 6 1.60 -10.28 -2.58
C GLN A 6 0.65 -9.85 -1.49
N GLN A 7 0.95 -10.29 -0.25
CA GLN A 7 0.14 -9.94 0.91
C GLN A 7 0.23 -8.44 1.21
N GLN A 8 1.43 -7.88 1.04
CA GLN A 8 1.66 -6.46 1.30
C GLN A 8 0.80 -5.61 0.37
N TYR A 9 0.73 -6.02 -0.90
CA TYR A 9 -0.08 -5.30 -1.90
C TYR A 9 -1.55 -5.28 -1.47
N HIS A 10 -2.06 -6.44 -1.05
CA HIS A 10 -3.44 -6.54 -0.61
C HIS A 10 -3.66 -5.63 0.60
N ARG A 11 -2.72 -5.68 1.55
CA ARG A 11 -2.81 -4.89 2.79
C ARG A 11 -2.76 -3.38 2.54
N CYS A 12 -1.89 -2.92 1.61
CA CYS A 12 -1.74 -1.50 1.35
C CYS A 12 -3.03 -0.91 0.75
N GLN A 13 -3.63 -1.66 -0.18
CA GLN A 13 -4.89 -1.29 -0.82
C GLN A 13 -6.06 -1.43 0.15
N ARG A 14 -6.01 -2.47 0.98
CA ARG A 14 -7.07 -2.73 1.95
C ARG A 14 -7.16 -1.56 2.89
N ARG A 15 -6.00 -1.12 3.38
CA ARG A 15 -5.92 0.01 4.25
C ARG A 15 -6.43 1.26 3.53
N CYS A 16 -6.01 1.40 2.26
CA CYS A 16 -6.37 2.57 1.46
C CYS A 16 -7.87 2.64 1.19
N GLN A 17 -8.49 1.48 0.88
CA GLN A 17 -9.91 1.43 0.56
C GLN A 17 -10.76 1.72 1.79
N ILE A 18 -10.34 1.14 2.93
CA ILE A 18 -11.06 1.33 4.18
C ILE A 18 -10.86 2.76 4.71
N GLN A 19 -9.62 3.25 4.61
CA GLN A 19 -9.24 4.57 5.11
C GLN A 19 -9.69 5.72 4.18
N GLU A 20 -10.35 5.37 3.05
CA GLU A 20 -10.78 6.39 2.06
C GLU A 20 -11.31 7.68 2.72
N GLN A 21 -12.55 7.63 3.28
CA GLN A 21 -13.16 8.81 3.94
C GLN A 21 -12.85 10.12 3.16
N SER A 22 -11.81 10.88 3.58
CA SER A 22 -11.42 12.10 2.88
C SER A 22 -10.47 11.76 1.70
N PRO A 23 -10.47 12.54 0.60
CA PRO A 23 -9.59 12.25 -0.58
C PRO A 23 -8.10 12.36 -0.22
N GLU A 24 -7.80 13.21 0.77
CA GLU A 24 -6.42 13.42 1.22
C GLU A 24 -5.82 12.13 1.82
N ARG A 25 -6.62 11.43 2.63
CA ARG A 25 -6.16 10.21 3.31
C ARG A 25 -5.85 9.10 2.30
N GLN A 26 -6.71 8.99 1.29
CA GLN A 26 -6.54 7.98 0.25
C GLN A 26 -5.29 8.23 -0.57
N ARG A 27 -5.03 9.52 -0.87
CA ARG A 27 -3.85 9.89 -1.66
C ARG A 27 -2.57 9.55 -0.90
N GLN A 28 -2.57 9.82 0.40
CA GLN A 28 -1.44 9.51 1.25
C GLN A 28 -1.27 8.01 1.39
N CYS A 29 -2.40 7.29 1.55
CA CYS A 29 -2.34 5.83 1.69
C CYS A 29 -1.85 5.17 0.39
N GLN A 30 -2.47 5.54 -0.72
CA GLN A 30 -2.08 5.04 -2.03
C GLN A 30 -0.63 5.38 -2.31
N GLN A 31 -0.20 6.57 -1.86
CA GLN A 31 1.20 6.95 -1.97
C GLN A 31 2.04 5.98 -1.15
N ARG A 32 1.53 5.62 0.05
CA ARG A 32 2.22 4.69 0.92
C ARG A 32 2.36 3.31 0.24
N CYS A 33 1.26 2.81 -0.37
CA CYS A 33 1.30 1.54 -1.11
C CYS A 33 2.27 1.65 -2.26
N GLU A 34 2.21 2.74 -2.99
CA GLU A 34 3.04 2.93 -4.18
C GLU A 34 4.53 2.91 -3.84
N ARG A 35 4.92 3.69 -2.81
CA ARG A 35 6.32 3.77 -2.40
C ARG A 35 6.75 2.50 -1.67
N GLN A 36 5.91 2.05 -0.74
CA GLN A 36 6.21 0.88 0.07
C GLN A 36 6.24 -0.39 -0.76
N TYR A 37 5.27 -0.52 -1.69
CA TYR A 37 5.20 -1.70 -2.55
C TYR A 37 6.49 -1.80 -3.38
N LYS A 38 6.85 -0.67 -4.01
CA LYS A 38 8.03 -0.57 -4.86
C LYS A 38 9.30 -0.83 -4.06
N GLU A 39 9.35 -0.31 -2.83
CA GLU A 39 10.51 -0.46 -1.97
C GLU A 39 10.81 -1.95 -1.75
N GLN A 40 9.76 -2.74 -1.52
CA GLN A 40 9.92 -4.18 -1.33
C GLN A 40 10.47 -4.82 -2.61
N GLN A 41 9.97 -4.37 -3.77
CA GLN A 41 10.42 -4.87 -5.07
C GLN A 41 10.47 -6.40 -5.09
N GLY A 42 9.30 -7.02 -5.29
CA GLY A 42 9.19 -8.48 -5.34
C GLY A 42 10.03 -9.05 -6.48
N ARG A 43 10.00 -8.37 -7.63
CA ARG A 43 10.77 -8.78 -8.81
C ARG A 43 11.23 -7.56 -9.60
N GLU A 44 10.26 -6.72 -9.98
CA GLU A 44 10.54 -5.51 -10.75
C GLU A 44 9.28 -4.65 -10.89
N GLY A 1 12.40 -15.52 5.45
CA GLY A 1 10.92 -15.58 5.55
C GLY A 1 10.32 -14.20 5.32
N MET A 2 9.95 -13.53 6.41
CA MET A 2 9.37 -12.17 6.34
C MET A 2 8.08 -12.19 5.53
N GLN A 3 7.21 -11.20 5.78
CA GLN A 3 5.93 -11.11 5.08
C GLN A 3 6.14 -10.95 3.58
N ASP A 4 5.35 -11.69 2.80
CA ASP A 4 5.47 -11.68 1.33
C ASP A 4 5.03 -10.32 0.73
N PRO A 5 5.63 -9.89 -0.42
CA PRO A 5 5.23 -8.61 -1.10
C PRO A 5 3.75 -8.61 -1.48
N GLN A 6 3.25 -9.79 -1.88
CA GLN A 6 1.85 -9.93 -2.28
C GLN A 6 0.95 -9.57 -1.09
N GLN A 7 1.35 -10.03 0.10
CA GLN A 7 0.63 -9.70 1.32
C GLN A 7 0.71 -8.20 1.58
N GLN A 8 1.89 -7.60 1.31
CA GLN A 8 2.10 -6.17 1.49
C GLN A 8 1.19 -5.35 0.58
N TYR A 9 1.03 -5.83 -0.67
CA TYR A 9 0.17 -5.17 -1.66
C TYR A 9 -1.28 -5.10 -1.13
N HIS A 10 -1.76 -6.22 -0.61
CA HIS A 10 -3.12 -6.27 -0.07
C HIS A 10 -3.26 -5.28 1.08
N ARG A 11 -2.22 -5.19 1.91
CA ARG A 11 -2.22 -4.31 3.08
C ARG A 11 -2.32 -2.82 2.70
N CYS A 12 -1.61 -2.42 1.64
CA CYS A 12 -1.57 -1.03 1.22
C CYS A 12 -2.91 -0.59 0.59
N GLN A 13 -3.49 -1.46 -0.25
CA GLN A 13 -4.74 -1.20 -0.94
C GLN A 13 -5.94 -1.31 0.00
N ARG A 14 -5.90 -2.34 0.86
CA ARG A 14 -6.99 -2.60 1.79
C ARG A 14 -7.13 -1.44 2.75
N ARG A 15 -6.00 -1.03 3.30
CA ARG A 15 -5.97 0.11 4.19
C ARG A 15 -6.45 1.36 3.46
N CYS A 16 -6.03 1.47 2.20
CA CYS A 16 -6.38 2.60 1.35
C CYS A 16 -7.90 2.66 1.10
N GLN A 17 -8.50 1.50 0.79
CA GLN A 17 -9.94 1.43 0.49
C GLN A 17 -10.77 1.72 1.73
N ILE A 18 -10.34 1.16 2.87
CA ILE A 18 -11.04 1.35 4.12
C ILE A 18 -10.93 2.81 4.59
N GLN A 19 -9.73 3.37 4.48
CA GLN A 19 -9.48 4.77 4.88
C GLN A 19 -9.76 5.77 3.72
N GLU A 20 -10.17 5.24 2.55
CA GLU A 20 -10.43 6.07 1.34
C GLU A 20 -11.62 7.04 1.53
N GLN A 21 -12.24 7.06 2.72
CA GLN A 21 -13.41 7.92 2.96
C GLN A 21 -13.05 9.39 2.78
N SER A 22 -11.89 9.80 3.31
CA SER A 22 -11.44 11.19 3.18
C SER A 22 -10.44 11.34 1.99
N PRO A 23 -10.46 12.49 1.26
CA PRO A 23 -9.50 12.72 0.11
C PRO A 23 -8.03 12.71 0.56
N GLU A 24 -7.76 13.31 1.73
CA GLU A 24 -6.40 13.40 2.26
C GLU A 24 -5.82 12.01 2.52
N ARG A 25 -6.64 11.14 3.12
CA ARG A 25 -6.23 9.78 3.42
C ARG A 25 -5.95 8.99 2.14
N GLN A 26 -6.75 9.27 1.09
CA GLN A 26 -6.59 8.57 -0.17
C GLN A 26 -5.18 8.81 -0.71
N ARG A 27 -4.74 10.07 -0.66
CA ARG A 27 -3.40 10.44 -1.11
C ARG A 27 -2.35 9.78 -0.23
N GLN A 28 -2.61 9.74 1.07
CA GLN A 28 -1.70 9.16 2.04
C GLN A 28 -1.54 7.65 1.80
N CYS A 29 -2.66 6.95 1.52
CA CYS A 29 -2.59 5.50 1.30
C CYS A 29 -2.05 5.17 -0.07
N GLN A 30 -2.44 5.96 -1.06
CA GLN A 30 -1.96 5.80 -2.41
C GLN A 30 -0.45 6.04 -2.46
N GLN A 31 0.01 7.07 -1.69
CA GLN A 31 1.42 7.37 -1.60
C GLN A 31 2.16 6.24 -0.90
N ARG A 32 1.55 5.73 0.18
CA ARG A 32 2.15 4.65 0.95
C ARG A 32 2.26 3.36 0.15
N CYS A 33 1.21 3.03 -0.62
CA CYS A 33 1.23 1.81 -1.43
C CYS A 33 2.23 1.93 -2.55
N GLU A 34 2.30 3.09 -3.18
CA GLU A 34 3.24 3.28 -4.31
C GLU A 34 4.69 3.08 -3.88
N ARG A 35 5.07 3.72 -2.76
CA ARG A 35 6.42 3.61 -2.24
C ARG A 35 6.68 2.24 -1.63
N GLN A 36 5.73 1.80 -0.81
CA GLN A 36 5.85 0.53 -0.10
C GLN A 36 5.83 -0.65 -1.07
N TYR A 37 4.94 -0.58 -2.07
CA TYR A 37 4.79 -1.66 -3.03
C TYR A 37 6.11 -1.89 -3.80
N LYS A 38 6.68 -0.78 -4.30
CA LYS A 38 7.91 -0.84 -5.09
C LYS A 38 9.07 -1.41 -4.28
N GLU A 39 9.17 -1.00 -3.01
CA GLU A 39 10.26 -1.46 -2.15
C GLU A 39 10.16 -2.97 -1.89
N GLN A 40 8.94 -3.45 -1.65
CA GLN A 40 8.70 -4.87 -1.39
C GLN A 40 8.96 -5.72 -2.64
N GLN A 41 8.53 -5.20 -3.79
CA GLN A 41 8.70 -5.90 -5.06
C GLN A 41 8.32 -5.00 -6.23
N GLY A 42 9.33 -4.36 -6.82
CA GLY A 42 9.12 -3.46 -7.96
C GLY A 42 9.02 -4.23 -9.30
N ARG A 43 9.22 -5.57 -9.26
CA ARG A 43 9.17 -6.43 -10.46
C ARG A 43 10.42 -6.27 -11.32
N GLU A 44 10.77 -5.01 -11.63
CA GLU A 44 11.96 -4.72 -12.45
C GLU A 44 13.18 -5.49 -11.97
N GLY A 1 8.73 -16.30 7.42
CA GLY A 1 9.58 -15.07 7.30
C GLY A 1 9.26 -14.35 5.99
N MET A 2 9.18 -15.12 4.90
CA MET A 2 8.89 -14.56 3.58
C MET A 2 7.66 -15.22 2.98
N GLN A 3 6.85 -14.42 2.27
CA GLN A 3 5.62 -14.93 1.65
C GLN A 3 5.34 -14.18 0.34
N ASP A 4 4.26 -14.56 -0.35
CA ASP A 4 3.89 -13.95 -1.62
C ASP A 4 3.63 -12.41 -1.47
N PRO A 5 4.10 -11.56 -2.42
CA PRO A 5 3.95 -10.08 -2.33
C PRO A 5 2.58 -9.57 -2.81
N GLN A 6 1.82 -10.43 -3.51
CA GLN A 6 0.50 -10.04 -4.02
C GLN A 6 -0.38 -9.61 -2.85
N GLN A 7 -0.30 -10.38 -1.76
CA GLN A 7 -1.00 -10.05 -0.53
C GLN A 7 -0.46 -8.76 0.08
N GLN A 8 0.87 -8.55 -0.05
CA GLN A 8 1.49 -7.32 0.51
C GLN A 8 0.90 -6.08 -0.15
N TYR A 9 0.70 -6.15 -1.48
CA TYR A 9 0.06 -5.07 -2.22
C TYR A 9 -1.39 -4.90 -1.74
N HIS A 10 -2.06 -6.03 -1.49
CA HIS A 10 -3.41 -6.01 -0.98
C HIS A 10 -3.44 -5.28 0.37
N ARG A 11 -2.39 -5.49 1.18
CA ARG A 11 -2.30 -4.90 2.51
C ARG A 11 -2.30 -3.35 2.48
N CYS A 12 -1.51 -2.73 1.56
CA CYS A 12 -1.45 -1.26 1.50
C CYS A 12 -2.82 -0.70 1.12
N GLN A 13 -3.49 -1.39 0.19
CA GLN A 13 -4.85 -1.06 -0.22
C GLN A 13 -5.84 -1.33 0.92
N ARG A 14 -5.57 -2.37 1.70
CA ARG A 14 -6.42 -2.74 2.81
C ARG A 14 -6.44 -1.61 3.81
N ARG A 15 -5.24 -1.10 4.12
CA ARG A 15 -5.09 0.04 4.99
C ARG A 15 -5.76 1.24 4.35
N CYS A 16 -5.61 1.37 3.02
CA CYS A 16 -6.22 2.45 2.27
C CYS A 16 -7.73 2.44 2.45
N GLN A 17 -8.35 1.26 2.30
CA GLN A 17 -9.79 1.12 2.43
C GLN A 17 -10.23 1.48 3.83
N ILE A 18 -9.43 1.05 4.82
CA ILE A 18 -9.71 1.31 6.21
C ILE A 18 -9.66 2.83 6.49
N GLN A 19 -8.63 3.49 5.93
CA GLN A 19 -8.39 4.93 6.17
C GLN A 19 -9.04 5.84 5.10
N GLU A 20 -9.68 5.25 4.09
CA GLU A 20 -10.30 6.04 3.00
C GLU A 20 -11.53 6.79 3.49
N GLN A 21 -11.48 8.13 3.38
CA GLN A 21 -12.59 8.99 3.75
C GLN A 21 -12.67 10.16 2.77
N SER A 22 -11.62 10.98 2.76
CA SER A 22 -11.53 12.12 1.86
C SER A 22 -10.71 11.75 0.59
N PRO A 23 -10.93 12.42 -0.55
CA PRO A 23 -10.15 12.13 -1.81
C PRO A 23 -8.64 12.24 -1.56
N GLU A 24 -8.25 13.21 -0.73
CA GLU A 24 -6.84 13.42 -0.39
C GLU A 24 -6.26 12.21 0.33
N ARG A 25 -7.08 11.60 1.19
CA ARG A 25 -6.66 10.43 1.97
C ARG A 25 -6.32 9.27 1.04
N GLN A 26 -7.11 9.13 -0.05
CA GLN A 26 -6.86 8.09 -1.04
C GLN A 26 -5.50 8.32 -1.71
N ARG A 27 -5.19 9.59 -1.99
CA ARG A 27 -3.90 9.92 -2.58
C ARG A 27 -2.78 9.57 -1.60
N GLN A 28 -3.03 9.83 -0.32
CA GLN A 28 -2.08 9.52 0.73
C GLN A 28 -1.87 8.02 0.87
N CYS A 29 -2.97 7.23 0.76
CA CYS A 29 -2.85 5.76 0.90
C CYS A 29 -2.18 5.14 -0.33
N GLN A 30 -2.54 5.65 -1.51
CA GLN A 30 -1.98 5.21 -2.77
C GLN A 30 -0.51 5.56 -2.84
N GLN A 31 -0.19 6.78 -2.39
CA GLN A 31 1.18 7.24 -2.35
C GLN A 31 1.97 6.40 -1.37
N ARG A 32 1.34 6.11 -0.21
CA ARG A 32 1.98 5.31 0.82
C ARG A 32 2.27 3.91 0.28
N CYS A 33 1.29 3.32 -0.39
CA CYS A 33 1.44 1.99 -1.00
C CYS A 33 2.54 2.00 -2.04
N GLU A 34 2.54 3.02 -2.88
CA GLU A 34 3.49 3.09 -3.99
C GLU A 34 4.94 3.09 -3.48
N ARG A 35 5.24 3.99 -2.52
CA ARG A 35 6.59 4.10 -1.98
C ARG A 35 6.90 2.96 -1.02
N GLN A 36 5.96 2.64 -0.16
CA GLN A 36 6.15 1.60 0.85
C GLN A 36 6.24 0.21 0.24
N TYR A 37 5.36 -0.08 -0.73
CA TYR A 37 5.35 -1.37 -1.40
C TYR A 37 6.70 -1.58 -2.11
N LYS A 38 7.10 -0.54 -2.88
CA LYS A 38 8.34 -0.57 -3.64
C LYS A 38 9.56 -0.66 -2.73
N GLU A 39 9.50 0.02 -1.58
CA GLU A 39 10.64 0.05 -0.64
C GLU A 39 11.00 -1.37 -0.20
N GLN A 40 9.98 -2.15 0.17
CA GLN A 40 10.19 -3.55 0.57
C GLN A 40 10.68 -4.38 -0.62
N GLN A 41 10.12 -4.10 -1.81
CA GLN A 41 10.47 -4.82 -3.03
C GLN A 41 10.04 -6.28 -2.94
N GLY A 42 8.82 -6.57 -3.39
CA GLY A 42 8.27 -7.92 -3.36
C GLY A 42 8.87 -8.75 -4.49
N ARG A 43 9.95 -9.47 -4.18
CA ARG A 43 10.62 -10.31 -5.16
C ARG A 43 9.69 -11.38 -5.70
N GLU A 44 9.68 -11.55 -7.03
CA GLU A 44 8.82 -12.53 -7.68
C GLU A 44 9.55 -13.86 -7.84
N GLY A 1 9.54 -12.81 10.31
CA GLY A 1 10.11 -11.46 10.04
C GLY A 1 9.21 -10.70 9.08
N MET A 2 9.72 -10.42 7.88
CA MET A 2 8.96 -9.67 6.87
C MET A 2 7.88 -10.55 6.24
N GLN A 3 6.74 -9.94 5.92
CA GLN A 3 5.61 -10.65 5.31
C GLN A 3 5.81 -10.76 3.80
N ASP A 4 5.00 -11.63 3.16
CA ASP A 4 5.10 -11.87 1.71
C ASP A 4 4.75 -10.58 0.93
N PRO A 5 5.34 -10.34 -0.26
CA PRO A 5 5.07 -9.10 -1.05
C PRO A 5 3.64 -9.05 -1.55
N GLN A 6 3.09 -10.23 -1.89
CA GLN A 6 1.72 -10.33 -2.35
C GLN A 6 0.76 -9.93 -1.23
N GLN A 7 1.07 -10.39 -0.02
CA GLN A 7 0.28 -10.04 1.17
C GLN A 7 0.38 -8.55 1.45
N GLN A 8 1.60 -7.99 1.30
CA GLN A 8 1.83 -6.57 1.54
C GLN A 8 1.03 -5.71 0.58
N TYR A 9 0.96 -6.14 -0.69
CA TYR A 9 0.20 -5.41 -1.71
C TYR A 9 -1.28 -5.31 -1.29
N HIS A 10 -1.83 -6.43 -0.83
CA HIS A 10 -3.21 -6.44 -0.36
C HIS A 10 -3.39 -5.50 0.83
N ARG A 11 -2.39 -5.48 1.72
CA ARG A 11 -2.43 -4.63 2.93
C ARG A 11 -2.49 -3.14 2.62
N CYS A 12 -1.69 -2.69 1.66
CA CYS A 12 -1.63 -1.28 1.31
C CYS A 12 -2.95 -0.79 0.69
N GLN A 13 -3.53 -1.62 -0.18
CA GLN A 13 -4.80 -1.35 -0.85
C GLN A 13 -5.97 -1.50 0.10
N ARG A 14 -5.91 -2.52 0.96
CA ARG A 14 -6.98 -2.82 1.90
C ARG A 14 -7.14 -1.68 2.86
N ARG A 15 -6.01 -1.24 3.40
CA ARG A 15 -6.00 -0.11 4.31
C ARG A 15 -6.48 1.15 3.59
N CYS A 16 -6.04 1.28 2.33
CA CYS A 16 -6.38 2.42 1.50
C CYS A 16 -7.89 2.47 1.21
N GLN A 17 -8.47 1.32 0.86
CA GLN A 17 -9.88 1.23 0.52
C GLN A 17 -10.76 1.48 1.74
N ILE A 18 -10.35 0.92 2.87
CA ILE A 18 -11.09 1.06 4.11
C ILE A 18 -10.97 2.48 4.70
N GLN A 19 -9.75 3.03 4.66
CA GLN A 19 -9.47 4.34 5.28
C GLN A 19 -9.49 5.52 4.29
N GLU A 20 -9.73 5.25 2.99
CA GLU A 20 -9.72 6.33 1.97
C GLU A 20 -10.58 7.53 2.39
N GLN A 21 -11.91 7.35 2.36
CA GLN A 21 -12.86 8.43 2.73
C GLN A 21 -12.43 9.81 2.21
N SER A 22 -11.65 10.60 2.99
CA SER A 22 -11.22 11.92 2.59
C SER A 22 -10.17 11.85 1.46
N PRO A 23 -10.06 12.88 0.58
CA PRO A 23 -9.04 12.90 -0.53
C PRO A 23 -7.60 12.82 0.02
N GLU A 24 -7.36 13.53 1.13
CA GLU A 24 -6.03 13.56 1.74
C GLU A 24 -5.63 12.16 2.21
N ARG A 25 -6.55 11.48 2.88
CA ARG A 25 -6.31 10.12 3.38
C ARG A 25 -6.12 9.16 2.23
N GLN A 26 -6.92 9.34 1.16
CA GLN A 26 -6.82 8.50 -0.03
C GLN A 26 -5.44 8.67 -0.66
N ARG A 27 -5.00 9.92 -0.76
CA ARG A 27 -3.68 10.23 -1.30
C ARG A 27 -2.60 9.64 -0.40
N GLN A 28 -2.83 9.73 0.91
CA GLN A 28 -1.90 9.23 1.89
C GLN A 28 -1.73 7.72 1.75
N CYS A 29 -2.85 6.98 1.55
CA CYS A 29 -2.75 5.51 1.40
C CYS A 29 -2.26 5.11 0.02
N GLN A 30 -2.66 5.87 -0.99
CA GLN A 30 -2.19 5.64 -2.36
C GLN A 30 -0.69 5.85 -2.44
N GLN A 31 -0.20 6.90 -1.76
CA GLN A 31 1.22 7.17 -1.70
C GLN A 31 1.94 6.11 -0.91
N ARG A 32 1.33 5.66 0.21
CA ARG A 32 1.92 4.61 1.03
C ARG A 32 2.07 3.31 0.27
N CYS A 33 1.04 2.92 -0.49
CA CYS A 33 1.13 1.70 -1.32
C CYS A 33 2.09 1.91 -2.47
N GLU A 34 2.03 3.09 -3.08
CA GLU A 34 2.89 3.40 -4.22
C GLU A 34 4.38 3.29 -3.84
N ARG A 35 4.75 3.90 -2.70
CA ARG A 35 6.13 3.89 -2.25
C ARG A 35 6.51 2.57 -1.59
N GLN A 36 5.63 2.06 -0.72
CA GLN A 36 5.89 0.83 -0.01
C GLN A 36 5.95 -0.35 -0.97
N TYR A 37 5.03 -0.36 -1.94
CA TYR A 37 4.98 -1.44 -2.93
C TYR A 37 6.31 -1.48 -3.69
N LYS A 38 6.76 -0.29 -4.14
CA LYS A 38 7.99 -0.17 -4.92
C LYS A 38 9.21 -0.67 -4.11
N GLU A 39 9.26 -0.33 -2.82
CA GLU A 39 10.38 -0.75 -1.97
C GLU A 39 10.44 -2.27 -1.87
N GLN A 40 9.27 -2.90 -1.76
CA GLN A 40 9.17 -4.36 -1.70
C GLN A 40 9.64 -5.00 -3.01
N GLN A 41 9.41 -4.30 -4.13
CA GLN A 41 9.76 -4.82 -5.45
C GLN A 41 11.25 -5.14 -5.52
N GLY A 42 12.09 -4.30 -4.89
CA GLY A 42 13.54 -4.52 -4.86
C GLY A 42 14.16 -4.27 -6.22
N ARG A 43 13.71 -3.19 -6.89
CA ARG A 43 14.22 -2.79 -8.22
C ARG A 43 13.67 -3.70 -9.32
N GLU A 44 14.01 -4.99 -9.24
CA GLU A 44 13.55 -5.97 -10.23
C GLU A 44 12.44 -6.86 -9.65
N GLY A 1 7.38 -12.98 11.48
CA GLY A 1 8.84 -12.98 11.22
C GLY A 1 9.11 -12.75 9.74
N MET A 2 8.31 -13.40 8.89
CA MET A 2 8.43 -13.27 7.43
C MET A 2 7.14 -12.75 6.82
N GLN A 3 7.26 -11.89 5.81
CA GLN A 3 6.09 -11.32 5.13
C GLN A 3 6.17 -11.52 3.61
N ASP A 4 5.03 -11.85 3.02
CA ASP A 4 4.95 -12.08 1.56
C ASP A 4 4.76 -10.74 0.80
N PRO A 5 5.46 -10.51 -0.34
CA PRO A 5 5.29 -9.24 -1.13
C PRO A 5 3.84 -9.05 -1.57
N GLN A 6 3.20 -10.17 -1.96
CA GLN A 6 1.80 -10.13 -2.36
C GLN A 6 0.91 -9.71 -1.20
N GLN A 7 1.28 -10.16 0.01
CA GLN A 7 0.57 -9.77 1.22
C GLN A 7 0.70 -8.27 1.44
N GLN A 8 1.90 -7.72 1.16
CA GLN A 8 2.15 -6.29 1.33
C GLN A 8 1.27 -5.46 0.40
N TYR A 9 1.10 -5.93 -0.84
CA TYR A 9 0.26 -5.26 -1.82
C TYR A 9 -1.19 -5.18 -1.34
N HIS A 10 -1.71 -6.31 -0.84
CA HIS A 10 -3.07 -6.36 -0.34
C HIS A 10 -3.25 -5.38 0.83
N ARG A 11 -2.22 -5.32 1.69
CA ARG A 11 -2.24 -4.44 2.87
C ARG A 11 -2.34 -2.95 2.50
N CYS A 12 -1.58 -2.54 1.49
CA CYS A 12 -1.51 -1.13 1.11
C CYS A 12 -2.85 -0.64 0.51
N GLN A 13 -3.48 -1.48 -0.31
CA GLN A 13 -4.75 -1.14 -0.96
C GLN A 13 -5.95 -1.38 -0.03
N ARG A 14 -5.90 -2.48 0.73
CA ARG A 14 -6.98 -2.82 1.64
C ARG A 14 -7.10 -1.74 2.69
N ARG A 15 -5.94 -1.35 3.23
CA ARG A 15 -5.89 -0.27 4.18
C ARG A 15 -6.38 1.02 3.54
N CYS A 16 -5.98 1.21 2.27
CA CYS A 16 -6.34 2.40 1.50
C CYS A 16 -7.86 2.51 1.30
N GLN A 17 -8.50 1.40 0.91
CA GLN A 17 -9.94 1.39 0.64
C GLN A 17 -10.74 1.60 1.91
N ILE A 18 -10.30 0.95 3.00
CA ILE A 18 -10.97 1.08 4.29
C ILE A 18 -10.75 2.49 4.86
N GLN A 19 -9.51 2.95 4.77
CA GLN A 19 -9.12 4.27 5.26
C GLN A 19 -9.80 5.38 4.45
N GLU A 20 -9.95 5.15 3.14
CA GLU A 20 -10.52 6.15 2.22
C GLU A 20 -11.76 6.82 2.82
N GLN A 21 -11.72 8.15 2.84
CA GLN A 21 -12.82 8.97 3.33
C GLN A 21 -12.68 10.38 2.75
N SER A 22 -11.64 11.10 3.18
CA SER A 22 -11.34 12.42 2.64
C SER A 22 -10.26 12.28 1.53
N PRO A 23 -10.18 13.25 0.59
CA PRO A 23 -9.17 13.17 -0.53
C PRO A 23 -7.74 12.97 -0.03
N GLU A 24 -7.41 13.60 1.10
CA GLU A 24 -6.05 13.54 1.66
C GLU A 24 -5.66 12.11 2.07
N ARG A 25 -6.59 11.38 2.71
CA ARG A 25 -6.33 10.01 3.15
C ARG A 25 -6.11 9.09 1.96
N GLN A 26 -6.91 9.29 0.90
CA GLN A 26 -6.80 8.48 -0.31
C GLN A 26 -5.40 8.64 -0.89
N ARG A 27 -4.95 9.89 -0.97
CA ARG A 27 -3.62 10.19 -1.49
C ARG A 27 -2.55 9.61 -0.58
N GLN A 28 -2.80 9.70 0.73
CA GLN A 28 -1.87 9.20 1.75
C GLN A 28 -1.71 7.69 1.63
N CYS A 29 -2.81 6.97 1.38
CA CYS A 29 -2.72 5.50 1.24
C CYS A 29 -2.24 5.09 -0.14
N GLN A 30 -2.62 5.88 -1.16
CA GLN A 30 -2.17 5.65 -2.52
C GLN A 30 -0.66 5.84 -2.61
N GLN A 31 -0.14 6.88 -1.92
CA GLN A 31 1.32 7.11 -1.89
C GLN A 31 1.99 6.08 -0.97
N ARG A 32 1.26 5.66 0.08
CA ARG A 32 1.76 4.65 1.01
C ARG A 32 2.01 3.37 0.23
N CYS A 33 1.04 2.98 -0.60
CA CYS A 33 1.19 1.80 -1.47
C CYS A 33 2.22 2.06 -2.54
N GLU A 34 2.30 3.28 -3.04
CA GLU A 34 3.27 3.61 -4.10
C GLU A 34 4.71 3.35 -3.61
N ARG A 35 5.04 3.89 -2.43
CA ARG A 35 6.36 3.69 -1.84
C ARG A 35 6.54 2.28 -1.29
N GLN A 36 5.48 1.78 -0.63
CA GLN A 36 5.52 0.45 -0.01
C GLN A 36 5.64 -0.64 -1.08
N TYR A 37 4.91 -0.46 -2.17
CA TYR A 37 4.91 -1.42 -3.27
C TYR A 37 6.33 -1.50 -3.86
N LYS A 38 6.93 -0.34 -4.09
CA LYS A 38 8.28 -0.24 -4.64
C LYS A 38 9.30 -0.89 -3.68
N GLU A 39 9.09 -0.69 -2.38
CA GLU A 39 10.02 -1.21 -1.36
C GLU A 39 10.12 -2.75 -1.46
N GLN A 40 8.97 -3.42 -1.57
CA GLN A 40 8.97 -4.90 -1.70
C GLN A 40 9.52 -5.36 -3.06
N GLN A 41 9.39 -4.49 -4.08
CA GLN A 41 9.89 -4.79 -5.41
C GLN A 41 10.34 -3.50 -6.12
N GLY A 42 11.58 -3.09 -5.82
CA GLY A 42 12.14 -1.86 -6.40
C GLY A 42 12.23 -1.94 -7.92
N ARG A 43 12.66 -3.12 -8.41
CA ARG A 43 12.81 -3.34 -9.85
C ARG A 43 12.34 -4.74 -10.25
N GLU A 44 12.79 -5.74 -9.47
CA GLU A 44 12.44 -7.14 -9.74
C GLU A 44 12.51 -7.97 -8.46
N GLY A 1 8.36 -15.06 9.22
CA GLY A 1 9.75 -14.52 9.13
C GLY A 1 9.76 -13.24 8.32
N MET A 2 9.32 -13.34 7.06
CA MET A 2 9.28 -12.20 6.15
C MET A 2 7.89 -12.06 5.52
N GLN A 3 7.49 -10.81 5.24
CA GLN A 3 6.19 -10.55 4.61
C GLN A 3 6.29 -10.69 3.10
N ASP A 4 5.25 -11.29 2.50
CA ASP A 4 5.24 -11.53 1.05
C ASP A 4 4.80 -10.24 0.29
N PRO A 5 5.32 -9.99 -0.94
CA PRO A 5 4.94 -8.79 -1.74
C PRO A 5 3.43 -8.75 -2.00
N GLN A 6 2.85 -9.93 -2.29
CA GLN A 6 1.42 -10.04 -2.53
C GLN A 6 0.65 -9.67 -1.27
N GLN A 7 1.15 -10.14 -0.12
CA GLN A 7 0.56 -9.81 1.17
C GLN A 7 0.66 -8.31 1.42
N GLN A 8 1.81 -7.73 1.05
CA GLN A 8 2.04 -6.29 1.21
C GLN A 8 1.05 -5.49 0.37
N TYR A 9 0.81 -5.96 -0.87
CA TYR A 9 -0.09 -5.27 -1.79
C TYR A 9 -1.51 -5.21 -1.22
N HIS A 10 -2.00 -6.33 -0.69
CA HIS A 10 -3.34 -6.38 -0.13
C HIS A 10 -3.45 -5.44 1.07
N ARG A 11 -2.40 -5.43 1.91
CA ARG A 11 -2.38 -4.60 3.13
C ARG A 11 -2.43 -3.09 2.80
N CYS A 12 -1.63 -2.64 1.81
CA CYS A 12 -1.56 -1.22 1.48
C CYS A 12 -2.89 -0.73 0.87
N GLN A 13 -3.49 -1.56 0.01
CA GLN A 13 -4.76 -1.25 -0.67
C GLN A 13 -5.95 -1.37 0.26
N ARG A 14 -5.95 -2.40 1.10
CA ARG A 14 -7.06 -2.66 2.00
C ARG A 14 -7.24 -1.50 2.95
N ARG A 15 -6.13 -1.08 3.55
CA ARG A 15 -6.16 0.08 4.42
C ARG A 15 -6.54 1.32 3.64
N CYS A 16 -6.04 1.41 2.41
CA CYS A 16 -6.32 2.53 1.52
C CYS A 16 -7.83 2.64 1.25
N GLN A 17 -8.46 1.49 1.02
CA GLN A 17 -9.89 1.44 0.73
C GLN A 17 -10.72 1.76 1.97
N ILE A 18 -10.27 1.28 3.12
CA ILE A 18 -10.99 1.48 4.37
C ILE A 18 -11.03 2.99 4.75
N GLN A 19 -9.89 3.66 4.60
CA GLN A 19 -9.75 5.09 4.94
C GLN A 19 -10.05 6.04 3.75
N GLU A 20 -10.39 5.46 2.59
CA GLU A 20 -10.62 6.26 1.36
C GLU A 20 -11.71 7.36 1.55
N GLN A 21 -12.44 7.32 2.67
CA GLN A 21 -13.51 8.29 2.92
C GLN A 21 -12.96 9.71 2.90
N SER A 22 -11.78 9.91 3.49
CA SER A 22 -11.14 11.22 3.50
C SER A 22 -10.22 11.37 2.25
N PRO A 23 -10.22 12.53 1.56
CA PRO A 23 -9.38 12.72 0.32
C PRO A 23 -7.88 12.70 0.63
N GLU A 24 -7.51 13.25 1.79
CA GLU A 24 -6.11 13.29 2.21
C GLU A 24 -5.59 11.86 2.46
N ARG A 25 -6.42 11.05 3.11
CA ARG A 25 -6.08 9.67 3.43
C ARG A 25 -5.87 8.85 2.16
N GLN A 26 -6.71 9.10 1.15
CA GLN A 26 -6.62 8.36 -0.12
C GLN A 26 -5.26 8.60 -0.75
N ARG A 27 -4.84 9.87 -0.75
CA ARG A 27 -3.55 10.27 -1.32
C ARG A 27 -2.40 9.64 -0.53
N GLN A 28 -2.54 9.62 0.78
CA GLN A 28 -1.53 9.07 1.67
C GLN A 28 -1.40 7.56 1.49
N CYS A 29 -2.55 6.87 1.32
CA CYS A 29 -2.51 5.39 1.16
C CYS A 29 -2.10 4.97 -0.22
N GLN A 30 -2.59 5.68 -1.23
CA GLN A 30 -2.25 5.37 -2.61
C GLN A 30 -0.78 5.67 -2.86
N GLN A 31 -0.29 6.77 -2.25
CA GLN A 31 1.12 7.13 -2.34
C GLN A 31 1.94 6.13 -1.52
N ARG A 32 1.42 5.77 -0.34
CA ARG A 32 2.12 4.83 0.55
C ARG A 32 2.29 3.47 -0.10
N CYS A 33 1.20 2.94 -0.69
CA CYS A 33 1.27 1.63 -1.36
C CYS A 33 2.22 1.68 -2.53
N GLU A 34 2.16 2.77 -3.29
CA GLU A 34 2.99 2.91 -4.49
C GLU A 34 4.50 2.82 -4.16
N ARG A 35 4.94 3.59 -3.16
CA ARG A 35 6.35 3.58 -2.79
C ARG A 35 6.72 2.40 -1.91
N GLN A 36 5.87 2.12 -0.91
CA GLN A 36 6.12 1.03 0.01
C GLN A 36 6.11 -0.30 -0.71
N TYR A 37 5.17 -0.46 -1.67
CA TYR A 37 5.10 -1.69 -2.46
C TYR A 37 6.44 -1.85 -3.22
N LYS A 38 6.87 -0.75 -3.85
CA LYS A 38 8.09 -0.73 -4.64
C LYS A 38 9.31 -1.10 -3.80
N GLU A 39 9.38 -0.57 -2.55
CA GLU A 39 10.52 -0.84 -1.67
C GLU A 39 10.67 -2.34 -1.40
N GLN A 40 9.53 -3.01 -1.14
CA GLN A 40 9.55 -4.45 -0.87
C GLN A 40 10.05 -5.23 -2.08
N GLN A 41 9.62 -4.81 -3.28
CA GLN A 41 10.03 -5.47 -4.53
C GLN A 41 10.18 -4.45 -5.68
N GLY A 42 9.06 -4.14 -6.37
CA GLY A 42 9.07 -3.16 -7.47
C GLY A 42 9.70 -3.75 -8.74
N ARG A 43 10.99 -4.11 -8.64
CA ARG A 43 11.74 -4.66 -9.78
C ARG A 43 11.84 -3.64 -10.91
N GLU A 44 13.08 -3.29 -11.27
CA GLU A 44 13.34 -2.32 -12.35
C GLU A 44 12.52 -2.67 -13.61
N GLY A 1 6.42 -10.32 13.69
CA GLY A 1 5.99 -8.91 13.48
C GLY A 1 6.06 -8.57 11.99
N MET A 2 7.22 -8.80 11.38
CA MET A 2 7.43 -8.51 9.96
C MET A 2 6.60 -9.46 9.09
N GLN A 3 6.00 -8.90 8.03
CA GLN A 3 5.17 -9.67 7.11
C GLN A 3 5.74 -9.60 5.69
N ASP A 4 5.33 -10.56 4.86
CA ASP A 4 5.81 -10.63 3.47
C ASP A 4 5.34 -9.39 2.66
N PRO A 5 6.13 -8.94 1.65
CA PRO A 5 5.76 -7.74 0.83
C PRO A 5 4.49 -7.98 0.01
N GLN A 6 4.22 -9.25 -0.34
CA GLN A 6 3.00 -9.59 -1.07
C GLN A 6 1.79 -9.27 -0.21
N GLN A 7 1.90 -9.60 1.08
CA GLN A 7 0.87 -9.29 2.06
C GLN A 7 0.76 -7.77 2.21
N GLN A 8 1.92 -7.09 2.18
CA GLN A 8 1.96 -5.64 2.29
C GLN A 8 1.20 -4.97 1.15
N TYR A 9 1.33 -5.54 -0.06
CA TYR A 9 0.63 -5.02 -1.24
C TYR A 9 -0.88 -5.05 -0.99
N HIS A 10 -1.38 -6.19 -0.49
CA HIS A 10 -2.80 -6.32 -0.20
C HIS A 10 -3.21 -5.28 0.85
N ARG A 11 -2.33 -5.07 1.84
CA ARG A 11 -2.58 -4.10 2.92
C ARG A 11 -2.65 -2.66 2.41
N CYS A 12 -1.74 -2.33 1.49
CA CYS A 12 -1.64 -0.97 0.97
C CYS A 12 -2.95 -0.55 0.26
N GLN A 13 -3.51 -1.47 -0.51
CA GLN A 13 -4.75 -1.23 -1.27
C GLN A 13 -5.99 -1.39 -0.38
N ARG A 14 -5.93 -2.37 0.53
CA ARG A 14 -7.04 -2.67 1.43
C ARG A 14 -7.32 -1.48 2.30
N ARG A 15 -6.25 -0.91 2.86
CA ARG A 15 -6.36 0.27 3.68
C ARG A 15 -6.80 1.46 2.82
N CYS A 16 -6.27 1.52 1.60
CA CYS A 16 -6.58 2.60 0.67
C CYS A 16 -8.06 2.62 0.29
N GLN A 17 -8.66 1.44 0.07
CA GLN A 17 -10.06 1.36 -0.36
C GLN A 17 -11.03 1.34 0.83
N ILE A 18 -10.68 0.56 1.85
CA ILE A 18 -11.53 0.41 3.03
C ILE A 18 -11.63 1.71 3.84
N GLN A 19 -10.50 2.38 4.03
CA GLN A 19 -10.45 3.62 4.84
C GLN A 19 -10.72 4.89 4.01
N GLU A 20 -10.93 4.73 2.69
CA GLU A 20 -11.17 5.88 1.81
C GLU A 20 -12.35 6.70 2.30
N GLN A 21 -12.13 8.01 2.37
CA GLN A 21 -13.17 8.95 2.81
C GLN A 21 -12.73 10.37 2.51
N SER A 22 -11.63 10.78 3.13
CA SER A 22 -11.06 12.10 2.90
C SER A 22 -9.95 12.06 1.85
N PRO A 23 -9.70 13.17 1.12
CA PRO A 23 -8.59 13.24 0.11
C PRO A 23 -7.24 12.92 0.76
N GLU A 24 -7.08 13.37 2.01
CA GLU A 24 -5.83 13.17 2.75
C GLU A 24 -5.54 11.68 2.97
N ARG A 25 -6.58 10.91 3.32
CA ARG A 25 -6.44 9.46 3.51
C ARG A 25 -6.03 8.79 2.22
N GLN A 26 -6.61 9.27 1.11
CA GLN A 26 -6.29 8.73 -0.20
C GLN A 26 -4.81 8.94 -0.48
N ARG A 27 -4.31 10.14 -0.17
CA ARG A 27 -2.91 10.47 -0.38
C ARG A 27 -2.02 9.62 0.53
N GLN A 28 -2.47 9.43 1.78
CA GLN A 28 -1.74 8.64 2.75
C GLN A 28 -1.65 7.19 2.32
N CYS A 29 -2.74 6.63 1.77
CA CYS A 29 -2.71 5.22 1.33
C CYS A 29 -1.98 5.06 0.01
N GLN A 30 -2.20 6.02 -0.88
CA GLN A 30 -1.54 6.04 -2.18
C GLN A 30 -0.04 6.18 -2.03
N GLN A 31 0.40 7.03 -1.07
CA GLN A 31 1.83 7.21 -0.81
C GLN A 31 2.42 5.97 -0.16
N ARG A 32 1.66 5.38 0.77
CA ARG A 32 2.11 4.17 1.46
C ARG A 32 2.24 3.00 0.49
N CYS A 33 1.27 2.88 -0.42
CA CYS A 33 1.30 1.83 -1.44
C CYS A 33 2.29 2.15 -2.53
N GLU A 34 2.52 3.44 -2.80
CA GLU A 34 3.45 3.85 -3.85
C GLU A 34 4.87 3.36 -3.50
N ARG A 35 5.29 3.63 -2.26
CA ARG A 35 6.62 3.23 -1.80
C ARG A 35 6.69 1.72 -1.58
N GLN A 36 5.63 1.17 -0.97
CA GLN A 36 5.56 -0.25 -0.68
C GLN A 36 5.50 -1.08 -1.96
N TYR A 37 4.74 -0.58 -2.94
CA TYR A 37 4.55 -1.27 -4.20
C TYR A 37 5.92 -1.42 -4.89
N LYS A 38 6.68 -0.32 -4.91
CA LYS A 38 7.99 -0.29 -5.55
C LYS A 38 8.91 -1.35 -4.94
N GLU A 39 8.86 -1.49 -3.61
CA GLU A 39 9.69 -2.47 -2.92
C GLU A 39 9.39 -3.88 -3.45
N GLN A 40 8.09 -4.17 -3.60
CA GLN A 40 7.65 -5.46 -4.15
C GLN A 40 8.15 -5.62 -5.59
N GLN A 41 8.06 -4.54 -6.37
CA GLN A 41 8.48 -4.55 -7.77
C GLN A 41 7.91 -5.77 -8.52
N GLY A 42 6.59 -5.78 -8.69
CA GLY A 42 5.92 -6.87 -9.41
C GLY A 42 6.42 -6.94 -10.84
N ARG A 43 6.63 -5.77 -11.45
CA ARG A 43 7.10 -5.68 -12.84
C ARG A 43 8.62 -5.85 -12.92
N GLU A 44 9.05 -6.74 -13.83
CA GLU A 44 10.49 -7.00 -14.03
C GLU A 44 11.28 -5.70 -14.18
N GLY A 1 6.23 -9.94 12.95
CA GLY A 1 5.01 -9.85 12.09
C GLY A 1 5.00 -11.01 11.11
N MET A 2 6.16 -11.29 10.51
CA MET A 2 6.29 -12.38 9.54
C MET A 2 5.24 -12.25 8.42
N GLN A 3 4.97 -11.00 8.02
CA GLN A 3 3.99 -10.74 6.96
C GLN A 3 4.62 -10.96 5.58
N ASP A 4 3.92 -11.72 4.73
CA ASP A 4 4.41 -12.04 3.38
C ASP A 4 4.35 -10.80 2.45
N PRO A 5 5.25 -10.71 1.44
CA PRO A 5 5.27 -9.55 0.48
C PRO A 5 3.92 -9.38 -0.22
N GLN A 6 3.31 -10.51 -0.58
CA GLN A 6 1.99 -10.49 -1.24
C GLN A 6 0.97 -9.87 -0.30
N GLN A 7 1.06 -10.23 0.98
CA GLN A 7 0.18 -9.68 2.01
C GLN A 7 0.40 -8.17 2.15
N GLN A 8 1.68 -7.74 2.05
CA GLN A 8 2.01 -6.32 2.18
C GLN A 8 1.29 -5.49 1.11
N TYR A 9 1.30 -5.97 -0.13
CA TYR A 9 0.59 -5.32 -1.24
C TYR A 9 -0.91 -5.28 -0.96
N HIS A 10 -1.43 -6.41 -0.51
CA HIS A 10 -2.84 -6.54 -0.20
C HIS A 10 -3.23 -5.50 0.86
N ARG A 11 -2.39 -5.39 1.89
CA ARG A 11 -2.62 -4.46 2.99
C ARG A 11 -2.62 -2.98 2.52
N CYS A 12 -1.59 -2.60 1.75
CA CYS A 12 -1.41 -1.19 1.35
C CYS A 12 -2.58 -0.65 0.53
N GLN A 13 -3.09 -1.46 -0.40
CA GLN A 13 -4.19 -1.05 -1.27
C GLN A 13 -5.56 -1.25 -0.60
N ARG A 14 -5.74 -2.41 0.04
CA ARG A 14 -7.00 -2.73 0.69
C ARG A 14 -7.26 -1.78 1.82
N ARG A 15 -6.22 -1.54 2.63
CA ARG A 15 -6.31 -0.60 3.73
C ARG A 15 -6.60 0.79 3.16
N CYS A 16 -5.92 1.12 2.06
CA CYS A 16 -6.08 2.40 1.40
C CYS A 16 -7.53 2.61 0.94
N GLN A 17 -8.11 1.57 0.29
CA GLN A 17 -9.48 1.66 -0.21
C GLN A 17 -10.48 1.74 0.92
N ILE A 18 -10.24 0.93 1.97
CA ILE A 18 -11.12 0.91 3.12
C ILE A 18 -11.07 2.27 3.84
N GLN A 19 -9.85 2.76 4.03
CA GLN A 19 -9.60 4.04 4.68
C GLN A 19 -10.17 5.20 3.85
N GLU A 20 -10.09 5.05 2.52
CA GLU A 20 -10.53 6.10 1.59
C GLU A 20 -11.88 6.70 2.02
N GLN A 21 -11.89 8.02 2.13
CA GLN A 21 -13.07 8.78 2.52
C GLN A 21 -12.76 10.25 2.38
N SER A 22 -11.74 10.70 3.11
CA SER A 22 -11.26 12.06 3.01
C SER A 22 -10.07 12.12 2.03
N PRO A 23 -9.78 13.27 1.37
CA PRO A 23 -8.67 13.36 0.37
C PRO A 23 -7.29 13.11 0.99
N GLU A 24 -7.11 13.51 2.25
CA GLU A 24 -5.83 13.34 2.95
C GLU A 24 -5.48 11.84 3.12
N ARG A 25 -6.47 11.05 3.56
CA ARG A 25 -6.26 9.62 3.79
C ARG A 25 -5.98 8.86 2.49
N GLN A 26 -6.70 9.22 1.42
CA GLN A 26 -6.54 8.56 0.13
C GLN A 26 -5.12 8.78 -0.40
N ARG A 27 -4.63 10.01 -0.24
CA ARG A 27 -3.30 10.37 -0.71
C ARG A 27 -2.25 9.68 0.15
N GLN A 28 -2.47 9.71 1.44
CA GLN A 28 -1.54 9.13 2.39
C GLN A 28 -1.44 7.63 2.20
N CYS A 29 -2.58 6.96 1.94
CA CYS A 29 -2.57 5.50 1.76
C CYS A 29 -2.16 5.08 0.36
N GLN A 30 -2.51 5.91 -0.63
CA GLN A 30 -2.16 5.61 -2.02
C GLN A 30 -0.67 5.89 -2.26
N GLN A 31 -0.12 6.91 -1.56
CA GLN A 31 1.30 7.22 -1.64
C GLN A 31 2.11 6.13 -0.96
N ARG A 32 1.61 5.66 0.21
CA ARG A 32 2.31 4.61 0.94
C ARG A 32 2.33 3.29 0.17
N CYS A 33 1.19 2.92 -0.44
CA CYS A 33 1.12 1.70 -1.25
C CYS A 33 1.90 1.88 -2.53
N GLU A 34 1.79 3.05 -3.14
CA GLU A 34 2.50 3.32 -4.40
C GLU A 34 4.04 3.28 -4.19
N ARG A 35 4.50 3.98 -3.15
CA ARG A 35 5.93 4.04 -2.85
C ARG A 35 6.43 2.72 -2.33
N GLN A 36 5.65 2.09 -1.45
CA GLN A 36 6.01 0.80 -0.88
C GLN A 36 5.97 -0.28 -1.93
N TYR A 37 4.98 -0.20 -2.83
CA TYR A 37 4.78 -1.23 -3.84
C TYR A 37 6.05 -1.35 -4.67
N LYS A 38 6.56 -0.21 -5.12
CA LYS A 38 7.78 -0.16 -5.90
C LYS A 38 8.96 -0.71 -5.10
N GLU A 39 9.04 -0.30 -3.81
CA GLU A 39 10.14 -0.73 -2.95
C GLU A 39 10.15 -2.24 -2.75
N GLN A 40 8.99 -2.81 -2.40
CA GLN A 40 8.88 -4.26 -2.16
C GLN A 40 9.18 -5.05 -3.44
N GLN A 41 8.67 -4.57 -4.58
CA GLN A 41 8.86 -5.26 -5.86
C GLN A 41 10.36 -5.31 -6.24
N GLY A 42 11.05 -4.18 -6.07
CA GLY A 42 12.48 -4.09 -6.37
C GLY A 42 12.75 -4.09 -7.89
N ARG A 43 11.70 -3.88 -8.70
CA ARG A 43 11.82 -3.88 -10.18
C ARG A 43 12.73 -5.02 -10.69
N GLU A 44 13.10 -4.96 -11.99
CA GLU A 44 13.95 -5.99 -12.60
C GLU A 44 14.54 -5.50 -13.92
N GLY A 1 10.81 -12.17 9.17
CA GLY A 1 11.96 -11.56 8.46
C GLY A 1 11.53 -11.11 7.06
N MET A 2 10.85 -12.01 6.34
CA MET A 2 10.38 -11.72 4.99
C MET A 2 8.91 -12.10 4.83
N GLN A 3 8.18 -11.31 4.02
CA GLN A 3 6.75 -11.56 3.76
C GLN A 3 6.48 -11.55 2.26
N ASP A 4 5.47 -12.33 1.84
CA ASP A 4 5.11 -12.42 0.44
C ASP A 4 4.63 -11.03 -0.09
N PRO A 5 5.04 -10.58 -1.31
CA PRO A 5 4.67 -9.24 -1.85
C PRO A 5 3.19 -9.15 -2.24
N GLN A 6 2.58 -10.31 -2.56
CA GLN A 6 1.18 -10.34 -2.96
C GLN A 6 0.29 -9.84 -1.83
N GLN A 7 0.57 -10.31 -0.61
CA GLN A 7 -0.18 -9.86 0.56
C GLN A 7 0.21 -8.43 0.96
N GLN A 8 1.48 -8.04 0.65
CA GLN A 8 1.93 -6.69 0.95
C GLN A 8 1.12 -5.66 0.17
N TYR A 9 0.86 -5.97 -1.10
CA TYR A 9 0.05 -5.11 -1.96
C TYR A 9 -1.37 -5.01 -1.39
N HIS A 10 -1.92 -6.15 -0.99
CA HIS A 10 -3.26 -6.18 -0.40
C HIS A 10 -3.29 -5.32 0.87
N ARG A 11 -2.21 -5.40 1.66
CA ARG A 11 -2.10 -4.69 2.94
C ARG A 11 -2.18 -3.15 2.76
N CYS A 12 -1.42 -2.60 1.78
CA CYS A 12 -1.39 -1.15 1.56
C CYS A 12 -2.76 -0.63 1.08
N GLN A 13 -3.39 -1.43 0.21
CA GLN A 13 -4.70 -1.10 -0.35
C GLN A 13 -5.82 -1.26 0.68
N ARG A 14 -5.70 -2.28 1.52
CA ARG A 14 -6.75 -2.58 2.50
C ARG A 14 -6.92 -1.42 3.42
N ARG A 15 -5.79 -0.93 3.94
CA ARG A 15 -5.81 0.25 4.78
C ARG A 15 -6.30 1.45 3.99
N CYS A 16 -5.88 1.50 2.71
CA CYS A 16 -6.24 2.59 1.81
C CYS A 16 -7.76 2.65 1.59
N GLN A 17 -8.38 1.48 1.36
CA GLN A 17 -9.82 1.39 1.16
C GLN A 17 -10.56 1.77 2.43
N ILE A 18 -10.03 1.33 3.57
CA ILE A 18 -10.65 1.62 4.85
C ILE A 18 -10.67 3.15 5.10
N GLN A 19 -9.55 3.81 4.79
CA GLN A 19 -9.41 5.26 5.03
C GLN A 19 -9.75 6.12 3.79
N GLU A 20 -10.13 5.48 2.66
CA GLU A 20 -10.44 6.22 1.41
C GLU A 20 -11.62 7.22 1.56
N GLN A 21 -12.28 7.23 2.73
CA GLN A 21 -13.44 8.09 2.95
C GLN A 21 -13.08 9.55 2.72
N SER A 22 -11.91 9.97 3.19
CA SER A 22 -11.44 11.34 2.97
C SER A 22 -10.51 11.41 1.74
N PRO A 23 -10.62 12.44 0.86
CA PRO A 23 -9.75 12.56 -0.36
C PRO A 23 -8.26 12.57 -0.01
N GLU A 24 -7.92 13.27 1.08
CA GLU A 24 -6.53 13.37 1.54
C GLU A 24 -6.00 12.00 1.97
N ARG A 25 -6.86 11.23 2.66
CA ARG A 25 -6.50 9.90 3.12
C ARG A 25 -6.23 8.97 1.96
N GLN A 26 -7.02 9.10 0.90
CA GLN A 26 -6.86 8.27 -0.28
C GLN A 26 -5.49 8.51 -0.89
N ARG A 27 -5.11 9.79 -0.97
CA ARG A 27 -3.84 10.17 -1.56
C ARG A 27 -2.65 9.68 -0.75
N GLN A 28 -2.75 9.77 0.59
CA GLN A 28 -1.65 9.33 1.44
C GLN A 28 -1.53 7.81 1.49
N CYS A 29 -2.68 7.10 1.38
CA CYS A 29 -2.62 5.62 1.38
C CYS A 29 -2.13 5.09 0.04
N GLN A 30 -2.54 5.75 -1.05
CA GLN A 30 -2.11 5.40 -2.39
C GLN A 30 -0.61 5.68 -2.55
N GLN A 31 -0.16 6.83 -1.99
CA GLN A 31 1.25 7.22 -2.07
C GLN A 31 2.13 6.30 -1.26
N ARG A 32 1.66 5.90 -0.05
CA ARG A 32 2.46 5.00 0.77
C ARG A 32 2.50 3.60 0.17
N CYS A 33 1.39 3.18 -0.48
CA CYS A 33 1.36 1.88 -1.16
C CYS A 33 2.35 1.88 -2.31
N GLU A 34 2.36 2.95 -3.11
CA GLU A 34 3.24 3.01 -4.30
C GLU A 34 4.72 2.93 -3.92
N ARG A 35 5.12 3.68 -2.87
CA ARG A 35 6.51 3.70 -2.45
C ARG A 35 6.87 2.46 -1.64
N GLN A 36 5.97 2.08 -0.73
CA GLN A 36 6.19 0.92 0.12
C GLN A 36 6.16 -0.38 -0.70
N TYR A 37 5.22 -0.45 -1.66
CA TYR A 37 5.08 -1.63 -2.49
C TYR A 37 6.37 -1.87 -3.27
N LYS A 38 6.85 -0.80 -3.92
CA LYS A 38 8.09 -0.86 -4.69
C LYS A 38 9.29 -1.16 -3.80
N GLU A 39 9.29 -0.56 -2.60
CA GLU A 39 10.39 -0.71 -1.65
C GLU A 39 10.58 -2.18 -1.25
N GLN A 40 9.47 -2.86 -0.94
CA GLN A 40 9.52 -4.27 -0.52
C GLN A 40 10.00 -5.16 -1.67
N GLN A 41 9.54 -4.84 -2.88
CA GLN A 41 9.89 -5.62 -4.08
C GLN A 41 11.41 -5.59 -4.33
N GLY A 42 12.02 -4.43 -4.10
CA GLY A 42 13.46 -4.26 -4.33
C GLY A 42 13.79 -3.71 -5.73
N ARG A 43 12.76 -3.29 -6.49
CA ARG A 43 12.98 -2.70 -7.83
C ARG A 43 13.87 -1.48 -7.75
N GLU A 44 13.69 -0.67 -6.70
CA GLU A 44 14.48 0.57 -6.51
C GLU A 44 15.97 0.34 -6.80
N GLY A 1 11.42 -9.30 1.28
CA GLY A 1 11.46 -9.82 2.69
C GLY A 1 10.82 -11.20 2.74
N MET A 2 10.66 -11.72 3.96
CA MET A 2 10.07 -13.04 4.17
C MET A 2 8.62 -13.07 3.66
N GLN A 3 7.89 -11.98 3.92
CA GLN A 3 6.48 -11.87 3.49
C GLN A 3 6.40 -11.71 1.98
N ASP A 4 5.35 -12.28 1.39
CA ASP A 4 5.15 -12.21 -0.06
C ASP A 4 4.78 -10.78 -0.51
N PRO A 5 5.20 -10.35 -1.74
CA PRO A 5 4.93 -8.96 -2.23
C PRO A 5 3.47 -8.72 -2.64
N GLN A 6 2.84 -9.76 -3.21
CA GLN A 6 1.45 -9.65 -3.68
C GLN A 6 0.53 -9.38 -2.49
N GLN A 7 0.77 -10.11 -1.41
CA GLN A 7 0.04 -9.93 -0.17
C GLN A 7 0.30 -8.54 0.42
N GLN A 8 1.55 -8.08 0.28
CA GLN A 8 1.92 -6.74 0.75
C GLN A 8 1.07 -5.68 0.05
N TYR A 9 0.81 -5.91 -1.25
CA TYR A 9 -0.02 -5.00 -2.03
C TYR A 9 -1.42 -4.92 -1.41
N HIS A 10 -1.95 -6.07 -0.97
CA HIS A 10 -3.27 -6.10 -0.33
C HIS A 10 -3.28 -5.22 0.92
N ARG A 11 -2.18 -5.27 1.69
CA ARG A 11 -2.08 -4.50 2.95
C ARG A 11 -2.17 -2.98 2.74
N CYS A 12 -1.48 -2.44 1.70
CA CYS A 12 -1.49 -1.00 1.46
C CYS A 12 -2.89 -0.54 0.99
N GLN A 13 -3.53 -1.36 0.16
CA GLN A 13 -4.88 -1.10 -0.34
C GLN A 13 -5.93 -1.29 0.75
N ARG A 14 -5.72 -2.28 1.62
CA ARG A 14 -6.65 -2.60 2.69
C ARG A 14 -6.77 -1.39 3.60
N ARG A 15 -5.62 -0.86 3.99
CA ARG A 15 -5.56 0.34 4.77
C ARG A 15 -6.14 1.51 3.98
N CYS A 16 -5.86 1.53 2.67
CA CYS A 16 -6.35 2.58 1.79
C CYS A 16 -7.90 2.61 1.77
N GLN A 17 -8.54 1.43 1.60
CA GLN A 17 -10.00 1.38 1.49
C GLN A 17 -10.69 1.62 2.83
N ILE A 18 -10.11 1.07 3.90
CA ILE A 18 -10.65 1.24 5.23
C ILE A 18 -10.59 2.73 5.63
N GLN A 19 -9.46 3.36 5.33
CA GLN A 19 -9.24 4.78 5.68
C GLN A 19 -9.58 5.73 4.52
N GLU A 20 -10.03 5.18 3.38
CA GLU A 20 -10.31 6.00 2.18
C GLU A 20 -11.11 7.25 2.51
N GLN A 21 -12.35 7.06 3.01
CA GLN A 21 -13.28 8.18 3.39
C GLN A 21 -12.99 9.51 2.64
N SER A 22 -12.08 10.35 3.18
CA SER A 22 -11.75 11.64 2.57
C SER A 22 -10.80 11.46 1.35
N PRO A 23 -10.86 12.35 0.33
CA PRO A 23 -9.96 12.25 -0.88
C PRO A 23 -8.48 12.41 -0.51
N GLU A 24 -8.21 13.18 0.56
CA GLU A 24 -6.84 13.40 1.02
C GLU A 24 -6.20 12.09 1.52
N ARG A 25 -7.03 11.24 2.14
CA ARG A 25 -6.58 9.94 2.62
C ARG A 25 -6.18 9.04 1.46
N GLN A 26 -6.94 9.14 0.36
CA GLN A 26 -6.68 8.33 -0.83
C GLN A 26 -5.30 8.64 -1.42
N ARG A 27 -4.96 9.93 -1.47
CA ARG A 27 -3.65 10.33 -1.98
C ARG A 27 -2.54 9.79 -1.09
N GLN A 28 -2.79 9.85 0.23
CA GLN A 28 -1.85 9.37 1.22
C GLN A 28 -1.70 7.84 1.13
N CYS A 29 -2.83 7.13 0.91
CA CYS A 29 -2.80 5.67 0.87
C CYS A 29 -2.09 5.17 -0.40
N GLN A 30 -2.37 5.85 -1.51
CA GLN A 30 -1.76 5.53 -2.79
C GLN A 30 -0.27 5.83 -2.75
N GLN A 31 0.09 6.96 -2.11
CA GLN A 31 1.48 7.35 -1.97
C GLN A 31 2.19 6.34 -1.06
N ARG A 32 1.50 5.97 0.02
CA ARG A 32 2.04 5.02 0.97
C ARG A 32 2.27 3.66 0.32
N CYS A 33 1.26 3.21 -0.46
CA CYS A 33 1.36 1.94 -1.19
C CYS A 33 2.43 2.00 -2.23
N GLU A 34 2.54 3.14 -2.92
CA GLU A 34 3.52 3.27 -4.00
C GLU A 34 4.95 3.09 -3.47
N ARG A 35 5.28 3.79 -2.37
CA ARG A 35 6.61 3.69 -1.78
C ARG A 35 6.79 2.37 -1.04
N GLN A 36 5.77 2.00 -0.25
CA GLN A 36 5.82 0.79 0.55
C GLN A 36 5.89 -0.46 -0.33
N TYR A 37 5.10 -0.45 -1.41
CA TYR A 37 5.03 -1.58 -2.32
C TYR A 37 6.42 -1.81 -2.95
N LYS A 38 7.03 -0.72 -3.43
CA LYS A 38 8.32 -0.77 -4.10
C LYS A 38 9.39 -1.35 -3.18
N GLU A 39 9.39 -0.94 -1.91
CA GLU A 39 10.38 -1.42 -0.94
C GLU A 39 10.27 -2.93 -0.77
N GLN A 40 9.02 -3.42 -0.70
CA GLN A 40 8.77 -4.86 -0.56
C GLN A 40 9.21 -5.60 -1.83
N GLN A 41 8.95 -4.99 -2.99
CA GLN A 41 9.27 -5.58 -4.27
C GLN A 41 9.92 -4.53 -5.18
N GLY A 42 11.22 -4.31 -5.00
CA GLY A 42 11.95 -3.35 -5.80
C GLY A 42 11.91 -3.72 -7.28
N ARG A 43 12.09 -5.02 -7.56
CA ARG A 43 12.04 -5.56 -8.95
C ARG A 43 12.39 -7.04 -8.98
N GLU A 44 13.35 -7.44 -8.13
CA GLU A 44 13.80 -8.83 -8.07
C GLU A 44 12.77 -9.72 -7.38
N GLY A 1 9.84 -10.65 11.51
CA GLY A 1 8.80 -9.96 10.69
C GLY A 1 8.88 -10.44 9.25
N MET A 2 9.43 -9.60 8.38
CA MET A 2 9.57 -9.92 6.94
C MET A 2 8.21 -9.98 6.24
N GLN A 3 7.42 -11.03 6.55
CA GLN A 3 6.09 -11.22 5.95
C GLN A 3 6.20 -11.35 4.43
N ASP A 4 5.18 -11.98 3.82
CA ASP A 4 5.16 -12.17 2.37
C ASP A 4 4.84 -10.85 1.62
N PRO A 5 5.23 -10.71 0.34
CA PRO A 5 4.97 -9.46 -0.45
C PRO A 5 3.54 -9.41 -0.99
N GLN A 6 2.97 -10.60 -1.29
CA GLN A 6 1.61 -10.68 -1.84
C GLN A 6 0.60 -10.14 -0.84
N GLN A 7 0.77 -10.52 0.43
CA GLN A 7 -0.10 -10.05 1.50
C GLN A 7 0.07 -8.54 1.70
N GLN A 8 1.34 -8.08 1.64
CA GLN A 8 1.66 -6.67 1.86
C GLN A 8 1.00 -5.79 0.78
N TYR A 9 1.05 -6.23 -0.48
CA TYR A 9 0.42 -5.48 -1.57
C TYR A 9 -1.09 -5.37 -1.34
N HIS A 10 -1.70 -6.49 -0.97
CA HIS A 10 -3.13 -6.49 -0.69
C HIS A 10 -3.43 -5.53 0.47
N ARG A 11 -2.56 -5.57 1.49
CA ARG A 11 -2.72 -4.73 2.69
C ARG A 11 -2.68 -3.21 2.36
N CYS A 12 -1.71 -2.77 1.52
CA CYS A 12 -1.55 -1.33 1.22
C CYS A 12 -2.80 -0.78 0.48
N GLN A 13 -3.31 -1.57 -0.47
CA GLN A 13 -4.50 -1.22 -1.25
C GLN A 13 -5.78 -1.36 -0.44
N ARG A 14 -5.87 -2.45 0.33
CA ARG A 14 -7.05 -2.75 1.14
C ARG A 14 -7.21 -1.69 2.18
N ARG A 15 -6.12 -1.37 2.85
CA ARG A 15 -6.11 -0.33 3.86
C ARG A 15 -6.49 1.00 3.22
N CYS A 16 -5.95 1.23 2.02
CA CYS A 16 -6.19 2.44 1.27
C CYS A 16 -7.68 2.60 0.89
N GLN A 17 -8.29 1.51 0.38
CA GLN A 17 -9.69 1.54 -0.06
C GLN A 17 -10.66 1.66 1.10
N ILE A 18 -10.37 0.94 2.17
CA ILE A 18 -11.27 0.88 3.32
C ILE A 18 -11.10 2.08 4.26
N GLN A 19 -9.84 2.38 4.59
CA GLN A 19 -9.54 3.47 5.53
C GLN A 19 -9.93 4.84 4.98
N GLU A 20 -9.72 5.03 3.66
CA GLU A 20 -9.98 6.33 3.00
C GLU A 20 -11.31 6.95 3.48
N GLN A 21 -11.20 8.18 3.99
CA GLN A 21 -12.35 8.95 4.44
C GLN A 21 -12.31 10.33 3.84
N SER A 22 -11.18 11.01 4.03
CA SER A 22 -10.96 12.32 3.45
C SER A 22 -10.16 12.16 2.14
N PRO A 23 -10.29 13.08 1.17
CA PRO A 23 -9.56 12.97 -0.14
C PRO A 23 -8.04 12.97 0.05
N GLU A 24 -7.57 13.72 1.06
CA GLU A 24 -6.14 13.78 1.37
C GLU A 24 -5.62 12.42 1.84
N ARG A 25 -6.45 11.70 2.61
CA ARG A 25 -6.08 10.39 3.12
C ARG A 25 -5.89 9.39 1.96
N GLN A 26 -6.75 9.50 0.94
CA GLN A 26 -6.69 8.62 -0.21
C GLN A 26 -5.33 8.74 -0.88
N ARG A 27 -4.89 9.99 -1.06
CA ARG A 27 -3.56 10.24 -1.63
C ARG A 27 -2.47 9.70 -0.73
N GLN A 28 -2.66 9.84 0.58
CA GLN A 28 -1.70 9.36 1.56
C GLN A 28 -1.57 7.84 1.50
N CYS A 29 -2.71 7.13 1.33
CA CYS A 29 -2.65 5.64 1.24
C CYS A 29 -2.20 5.17 -0.15
N GLN A 30 -2.60 5.92 -1.18
CA GLN A 30 -2.17 5.64 -2.55
C GLN A 30 -0.67 5.81 -2.68
N GLN A 31 -0.15 6.88 -2.06
CA GLN A 31 1.27 7.14 -2.00
C GLN A 31 1.96 6.12 -1.12
N ARG A 32 1.29 5.75 -0.02
CA ARG A 32 1.84 4.80 0.93
C ARG A 32 2.09 3.46 0.25
N CYS A 33 1.09 2.98 -0.50
CA CYS A 33 1.23 1.75 -1.27
C CYS A 33 2.17 1.93 -2.41
N GLU A 34 2.10 3.07 -3.09
CA GLU A 34 2.91 3.30 -4.29
C GLU A 34 4.43 3.29 -3.97
N ARG A 35 4.81 4.06 -2.95
CA ARG A 35 6.21 4.16 -2.56
C ARG A 35 6.67 2.86 -1.93
N GLN A 36 5.81 2.29 -1.08
CA GLN A 36 6.12 1.03 -0.44
C GLN A 36 6.17 -0.11 -1.44
N TYR A 37 5.30 -0.04 -2.46
CA TYR A 37 5.19 -1.11 -3.43
C TYR A 37 6.55 -1.33 -4.08
N LYS A 38 7.17 -0.22 -4.51
CA LYS A 38 8.49 -0.28 -5.13
C LYS A 38 9.54 -0.81 -4.15
N GLU A 39 9.46 -0.35 -2.89
CA GLU A 39 10.42 -0.77 -1.85
C GLU A 39 10.28 -2.27 -1.57
N GLN A 40 9.04 -2.73 -1.48
CA GLN A 40 8.74 -4.13 -1.19
C GLN A 40 9.32 -5.06 -2.25
N GLN A 41 9.13 -4.69 -3.53
CA GLN A 41 9.63 -5.50 -4.66
C GLN A 41 11.15 -5.38 -4.80
N GLY A 42 11.64 -4.13 -4.83
CA GLY A 42 13.08 -3.86 -4.97
C GLY A 42 13.61 -4.33 -6.34
N ARG A 43 12.75 -4.30 -7.36
CA ARG A 43 13.11 -4.75 -8.71
C ARG A 43 14.26 -3.92 -9.31
N GLU A 44 14.35 -2.65 -8.92
CA GLU A 44 15.39 -1.75 -9.43
C GLU A 44 15.80 -0.72 -8.38
N GLY A 1 12.62 -11.98 0.60
CA GLY A 1 11.28 -12.53 0.26
C GLY A 1 10.64 -13.16 1.50
N MET A 2 10.70 -12.44 2.62
CA MET A 2 10.13 -12.91 3.88
C MET A 2 8.61 -13.10 3.74
N GLN A 3 7.96 -12.14 3.07
CA GLN A 3 6.52 -12.19 2.84
C GLN A 3 6.21 -12.02 1.36
N ASP A 4 5.06 -12.58 0.93
CA ASP A 4 4.67 -12.52 -0.48
C ASP A 4 4.43 -11.04 -0.93
N PRO A 5 5.03 -10.57 -2.05
CA PRO A 5 4.84 -9.16 -2.54
C PRO A 5 3.37 -8.85 -2.82
N GLN A 6 2.65 -9.82 -3.41
CA GLN A 6 1.24 -9.63 -3.72
C GLN A 6 0.39 -9.56 -2.45
N GLN A 7 0.80 -10.31 -1.42
CA GLN A 7 0.13 -10.27 -0.13
C GLN A 7 0.31 -8.89 0.49
N GLN A 8 1.52 -8.35 0.36
CA GLN A 8 1.84 -7.02 0.89
C GLN A 8 1.00 -5.95 0.18
N TYR A 9 0.81 -6.13 -1.13
CA TYR A 9 0.00 -5.20 -1.93
C TYR A 9 -1.43 -5.14 -1.39
N HIS A 10 -1.97 -6.30 -0.99
CA HIS A 10 -3.33 -6.35 -0.45
C HIS A 10 -3.44 -5.50 0.81
N ARG A 11 -2.39 -5.56 1.67
CA ARG A 11 -2.38 -4.79 2.92
C ARG A 11 -2.43 -3.26 2.69
N CYS A 12 -1.66 -2.76 1.70
CA CYS A 12 -1.60 -1.32 1.43
C CYS A 12 -2.94 -0.80 0.87
N GLN A 13 -3.55 -1.60 -0.01
CA GLN A 13 -4.85 -1.27 -0.61
C GLN A 13 -5.96 -1.40 0.42
N ARG A 14 -5.88 -2.46 1.23
CA ARG A 14 -6.85 -2.71 2.28
C ARG A 14 -6.82 -1.57 3.27
N ARG A 15 -5.59 -1.15 3.62
CA ARG A 15 -5.41 -0.03 4.50
C ARG A 15 -6.05 1.21 3.88
N CYS A 16 -5.86 1.36 2.55
CA CYS A 16 -6.45 2.47 1.81
C CYS A 16 -7.97 2.43 1.83
N GLN A 17 -8.56 1.23 1.67
CA GLN A 17 -10.01 1.09 1.62
C GLN A 17 -10.63 1.46 2.95
N ILE A 18 -9.99 1.01 4.04
CA ILE A 18 -10.47 1.30 5.39
C ILE A 18 -10.24 2.80 5.71
N GLN A 19 -9.05 3.27 5.38
CA GLN A 19 -8.63 4.65 5.64
C GLN A 19 -9.43 5.66 4.81
N GLU A 20 -9.78 5.27 3.57
CA GLU A 20 -10.47 6.18 2.64
C GLU A 20 -11.63 6.92 3.31
N GLN A 21 -11.59 8.25 3.19
CA GLN A 21 -12.62 9.14 3.71
C GLN A 21 -12.62 10.41 2.88
N SER A 22 -11.51 11.15 2.95
CA SER A 22 -11.33 12.34 2.13
C SER A 22 -10.52 11.98 0.87
N PRO A 23 -10.74 12.65 -0.29
CA PRO A 23 -9.98 12.34 -1.54
C PRO A 23 -8.46 12.39 -1.33
N GLU A 24 -8.01 13.37 -0.55
CA GLU A 24 -6.58 13.55 -0.27
C GLU A 24 -6.04 12.40 0.59
N ARG A 25 -6.87 11.88 1.49
CA ARG A 25 -6.48 10.80 2.39
C ARG A 25 -6.16 9.54 1.58
N GLN A 26 -6.99 9.25 0.58
CA GLN A 26 -6.81 8.09 -0.27
C GLN A 26 -5.52 8.21 -1.05
N ARG A 27 -5.24 9.41 -1.57
CA ARG A 27 -4.00 9.64 -2.31
C ARG A 27 -2.79 9.47 -1.40
N GLN A 28 -2.92 9.94 -0.15
CA GLN A 28 -1.85 9.82 0.83
C GLN A 28 -1.61 8.36 1.20
N CYS A 29 -2.70 7.59 1.34
CA CYS A 29 -2.55 6.16 1.72
C CYS A 29 -2.01 5.35 0.52
N GLN A 30 -2.56 5.64 -0.67
CA GLN A 30 -2.08 5.03 -1.91
C GLN A 30 -0.61 5.38 -2.13
N GLN A 31 -0.24 6.62 -1.76
CA GLN A 31 1.14 7.06 -1.83
C GLN A 31 1.97 6.17 -0.91
N ARG A 32 1.40 5.83 0.25
CA ARG A 32 2.06 4.94 1.18
C ARG A 32 2.25 3.56 0.53
N CYS A 33 1.20 3.09 -0.19
CA CYS A 33 1.26 1.81 -0.90
C CYS A 33 2.33 1.80 -1.96
N GLU A 34 2.39 2.85 -2.79
CA GLU A 34 3.35 2.86 -3.92
C GLU A 34 4.79 3.01 -3.45
N ARG A 35 5.02 3.89 -2.47
CA ARG A 35 6.37 4.08 -1.91
C ARG A 35 6.80 2.81 -1.22
N GLN A 36 5.90 2.28 -0.39
CA GLN A 36 6.13 1.05 0.33
C GLN A 36 6.25 -0.14 -0.63
N TYR A 37 5.47 -0.11 -1.71
CA TYR A 37 5.40 -1.22 -2.65
C TYR A 37 6.80 -1.50 -3.22
N LYS A 38 7.47 -0.43 -3.70
CA LYS A 38 8.82 -0.56 -4.27
C LYS A 38 9.80 -1.04 -3.21
N GLU A 39 9.68 -0.50 -1.99
CA GLU A 39 10.57 -0.88 -0.89
C GLU A 39 10.40 -2.38 -0.57
N GLN A 40 9.15 -2.82 -0.53
CA GLN A 40 8.82 -4.21 -0.24
C GLN A 40 9.35 -5.14 -1.32
N GLN A 41 9.19 -4.72 -2.59
CA GLN A 41 9.63 -5.54 -3.73
C GLN A 41 11.13 -5.79 -3.67
N GLY A 42 11.89 -4.71 -3.43
CA GLY A 42 13.36 -4.79 -3.36
C GLY A 42 13.96 -5.30 -4.67
N ARG A 43 13.22 -5.10 -5.78
CA ARG A 43 13.66 -5.55 -7.11
C ARG A 43 14.12 -7.03 -7.05
N GLU A 44 13.45 -7.83 -6.21
CA GLU A 44 13.76 -9.27 -6.04
C GLU A 44 15.27 -9.53 -6.05
N GLY A 1 13.06 -12.06 7.73
CA GLY A 1 12.33 -10.82 7.36
C GLY A 1 12.18 -10.75 5.85
N MET A 2 11.78 -9.58 5.35
CA MET A 2 11.60 -9.35 3.92
C MET A 2 10.64 -10.39 3.32
N GLN A 3 9.34 -10.11 3.45
CA GLN A 3 8.29 -11.00 2.92
C GLN A 3 7.93 -10.61 1.49
N ASP A 4 7.19 -11.49 0.81
CA ASP A 4 6.78 -11.23 -0.58
C ASP A 4 5.81 -10.03 -0.66
N PRO A 5 5.66 -9.38 -1.85
CA PRO A 5 4.86 -8.13 -2.00
C PRO A 5 3.36 -8.37 -2.25
N GLN A 6 2.97 -9.61 -2.58
CA GLN A 6 1.54 -9.89 -2.88
C GLN A 6 0.68 -9.57 -1.66
N GLN A 7 1.13 -10.03 -0.49
CA GLN A 7 0.46 -9.73 0.77
C GLN A 7 0.64 -8.26 1.14
N GLN A 8 1.83 -7.71 0.83
CA GLN A 8 2.13 -6.30 1.15
C GLN A 8 1.16 -5.37 0.42
N TYR A 9 0.86 -5.72 -0.84
CA TYR A 9 -0.07 -4.96 -1.66
C TYR A 9 -1.48 -5.01 -1.06
N HIS A 10 -1.86 -6.19 -0.56
CA HIS A 10 -3.18 -6.38 0.01
C HIS A 10 -3.40 -5.46 1.22
N ARG A 11 -2.36 -5.31 2.06
CA ARG A 11 -2.48 -4.48 3.27
C ARG A 11 -2.45 -2.97 2.99
N CYS A 12 -1.63 -2.53 2.00
CA CYS A 12 -1.51 -1.11 1.69
C CYS A 12 -2.83 -0.57 1.13
N GLN A 13 -3.52 -1.41 0.33
CA GLN A 13 -4.77 -1.04 -0.30
C GLN A 13 -5.97 -1.26 0.62
N ARG A 14 -5.89 -2.26 1.51
CA ARG A 14 -6.99 -2.55 2.42
C ARG A 14 -7.23 -1.36 3.31
N ARG A 15 -6.14 -0.87 3.90
CA ARG A 15 -6.20 0.31 4.72
C ARG A 15 -6.61 1.51 3.88
N CYS A 16 -6.08 1.55 2.63
CA CYS A 16 -6.38 2.63 1.72
C CYS A 16 -7.88 2.71 1.42
N GLN A 17 -8.50 1.55 1.18
CA GLN A 17 -9.93 1.48 0.90
C GLN A 17 -10.73 1.86 2.14
N ILE A 18 -10.27 1.41 3.30
CA ILE A 18 -10.93 1.71 4.56
C ILE A 18 -10.93 3.25 4.79
N GLN A 19 -9.77 3.87 4.53
CA GLN A 19 -9.60 5.32 4.72
C GLN A 19 -9.92 6.14 3.44
N GLU A 20 -10.29 5.46 2.36
CA GLU A 20 -10.59 6.11 1.08
C GLU A 20 -11.74 7.15 1.21
N GLN A 21 -12.48 7.09 2.33
CA GLN A 21 -13.61 8.00 2.54
C GLN A 21 -13.16 9.45 2.46
N SER A 22 -11.99 9.74 3.03
CA SER A 22 -11.43 11.09 2.98
C SER A 22 -10.43 11.21 1.79
N PRO A 23 -10.45 12.32 1.01
CA PRO A 23 -9.53 12.48 -0.16
C PRO A 23 -8.07 12.61 0.27
N GLU A 24 -7.84 13.26 1.42
CA GLU A 24 -6.49 13.46 1.95
C GLU A 24 -5.85 12.11 2.30
N ARG A 25 -6.66 11.22 2.89
CA ARG A 25 -6.21 9.90 3.27
C ARG A 25 -5.97 9.01 2.05
N GLN A 26 -6.77 9.22 1.00
CA GLN A 26 -6.66 8.42 -0.22
C GLN A 26 -5.27 8.61 -0.81
N ARG A 27 -4.82 9.86 -0.89
CA ARG A 27 -3.49 10.17 -1.41
C ARG A 27 -2.42 9.62 -0.48
N GLN A 28 -2.66 9.70 0.82
CA GLN A 28 -1.72 9.23 1.82
C GLN A 28 -1.55 7.71 1.73
N CYS A 29 -2.65 6.98 1.51
CA CYS A 29 -2.56 5.51 1.42
C CYS A 29 -2.08 5.07 0.03
N GLN A 30 -2.53 5.79 -0.99
CA GLN A 30 -2.14 5.51 -2.36
C GLN A 30 -0.65 5.76 -2.55
N GLN A 31 -0.13 6.85 -1.94
CA GLN A 31 1.30 7.16 -2.05
C GLN A 31 2.12 6.22 -1.17
N ARG A 32 1.56 5.80 -0.03
CA ARG A 32 2.25 4.87 0.86
C ARG A 32 2.34 3.48 0.22
N CYS A 33 1.25 3.03 -0.42
CA CYS A 33 1.26 1.73 -1.10
C CYS A 33 2.24 1.72 -2.24
N GLU A 34 2.28 2.80 -3.02
CA GLU A 34 3.17 2.85 -4.20
C GLU A 34 4.64 2.75 -3.80
N ARG A 35 5.05 3.47 -2.74
CA ARG A 35 6.44 3.44 -2.29
C ARG A 35 6.74 2.17 -1.49
N GLN A 36 5.80 1.79 -0.63
CA GLN A 36 5.94 0.61 0.20
C GLN A 36 5.94 -0.66 -0.65
N TYR A 37 5.06 -0.68 -1.65
CA TYR A 37 4.92 -1.82 -2.54
C TYR A 37 6.25 -2.06 -3.27
N LYS A 38 6.81 -0.96 -3.82
CA LYS A 38 8.05 -1.02 -4.59
C LYS A 38 9.21 -1.54 -3.73
N GLU A 39 9.27 -1.12 -2.45
CA GLU A 39 10.35 -1.52 -1.55
C GLU A 39 10.37 -3.05 -1.40
N GLN A 40 9.20 -3.65 -1.15
CA GLN A 40 9.09 -5.10 -1.03
C GLN A 40 9.36 -5.79 -2.35
N GLN A 41 8.87 -5.18 -3.45
CA GLN A 41 9.03 -5.75 -4.80
C GLN A 41 10.51 -5.83 -5.18
N GLY A 42 11.28 -4.79 -4.79
CA GLY A 42 12.73 -4.65 -5.11
C GLY A 42 13.40 -5.96 -5.58
N ARG A 43 13.27 -6.24 -6.88
CA ARG A 43 13.83 -7.47 -7.47
C ARG A 43 15.37 -7.51 -7.35
N GLU A 44 15.99 -6.33 -7.29
CA GLU A 44 17.45 -6.23 -7.18
C GLU A 44 17.94 -6.94 -5.92
N GLY A 1 5.21 -13.20 11.82
CA GLY A 1 4.89 -12.03 10.95
C GLY A 1 5.73 -12.09 9.69
N MET A 2 5.53 -13.15 8.89
CA MET A 2 6.27 -13.34 7.64
C MET A 2 5.98 -12.19 6.68
N GLN A 3 4.70 -11.80 6.58
CA GLN A 3 4.28 -10.70 5.70
C GLN A 3 4.97 -10.76 4.32
N ASP A 4 4.47 -11.64 3.44
CA ASP A 4 5.03 -11.81 2.10
C ASP A 4 4.60 -10.63 1.17
N PRO A 5 5.29 -10.42 0.02
CA PRO A 5 4.99 -9.30 -0.92
C PRO A 5 3.52 -9.28 -1.39
N GLN A 6 2.96 -10.48 -1.65
CA GLN A 6 1.58 -10.58 -2.14
C GLN A 6 0.62 -10.00 -1.10
N GLN A 7 0.85 -10.36 0.17
CA GLN A 7 0.05 -9.84 1.28
C GLN A 7 0.33 -8.35 1.48
N GLN A 8 1.59 -7.93 1.19
CA GLN A 8 1.97 -6.52 1.34
C GLN A 8 1.12 -5.63 0.42
N TYR A 9 0.94 -6.06 -0.83
CA TYR A 9 0.12 -5.32 -1.79
C TYR A 9 -1.32 -5.22 -1.31
N HIS A 10 -1.86 -6.34 -0.84
CA HIS A 10 -3.24 -6.36 -0.34
C HIS A 10 -3.37 -5.43 0.87
N ARG A 11 -2.35 -5.45 1.73
CA ARG A 11 -2.33 -4.64 2.95
C ARG A 11 -2.41 -3.13 2.65
N CYS A 12 -1.58 -2.66 1.71
CA CYS A 12 -1.50 -1.23 1.39
C CYS A 12 -2.82 -0.71 0.78
N GLN A 13 -3.42 -1.50 -0.13
CA GLN A 13 -4.67 -1.13 -0.80
C GLN A 13 -5.89 -1.31 0.11
N ARG A 14 -5.91 -2.40 0.87
CA ARG A 14 -7.04 -2.73 1.72
C ARG A 14 -7.22 -1.64 2.73
N ARG A 15 -6.12 -1.25 3.37
CA ARG A 15 -6.14 -0.16 4.32
C ARG A 15 -6.49 1.14 3.60
N CYS A 16 -6.03 1.27 2.34
CA CYS A 16 -6.33 2.45 1.55
C CYS A 16 -7.84 2.57 1.30
N GLN A 17 -8.49 1.44 0.96
CA GLN A 17 -9.94 1.43 0.71
C GLN A 17 -10.71 1.71 1.99
N ILE A 18 -10.24 1.11 3.10
CA ILE A 18 -10.88 1.27 4.39
C ILE A 18 -10.77 2.74 4.87
N GLN A 19 -9.59 3.33 4.67
CA GLN A 19 -9.33 4.73 5.06
C GLN A 19 -9.77 5.73 3.98
N GLU A 20 -10.30 5.21 2.85
CA GLU A 20 -10.75 6.07 1.73
C GLU A 20 -11.84 7.07 2.22
N GLN A 21 -12.63 7.63 1.26
CA GLN A 21 -13.70 8.62 1.55
C GLN A 21 -13.14 10.02 1.61
N SER A 22 -12.06 10.21 2.40
CA SER A 22 -11.42 11.52 2.50
C SER A 22 -10.28 11.66 1.46
N PRO A 23 -10.02 12.88 0.94
CA PRO A 23 -8.93 13.08 -0.09
C PRO A 23 -7.53 12.93 0.51
N GLU A 24 -7.39 13.29 1.79
CA GLU A 24 -6.09 13.22 2.48
C GLU A 24 -5.67 11.78 2.73
N ARG A 25 -6.60 10.95 3.20
CA ARG A 25 -6.34 9.54 3.47
C ARG A 25 -6.00 8.80 2.18
N GLN A 26 -6.69 9.15 1.09
CA GLN A 26 -6.47 8.51 -0.20
C GLN A 26 -5.04 8.74 -0.66
N ARG A 27 -4.58 9.98 -0.51
CA ARG A 27 -3.21 10.34 -0.89
C ARG A 27 -2.19 9.64 0.00
N GLN A 28 -2.50 9.59 1.29
CA GLN A 28 -1.62 8.97 2.27
C GLN A 28 -1.50 7.48 2.03
N CYS A 29 -2.62 6.81 1.68
CA CYS A 29 -2.56 5.35 1.46
C CYS A 29 -2.08 5.01 0.06
N GLN A 30 -2.53 5.79 -0.92
CA GLN A 30 -2.12 5.60 -2.31
C GLN A 30 -0.64 5.86 -2.48
N GLN A 31 -0.14 6.92 -1.83
CA GLN A 31 1.28 7.24 -1.89
C GLN A 31 2.10 6.20 -1.16
N ARG A 32 1.58 5.76 0.01
CA ARG A 32 2.28 4.75 0.80
C ARG A 32 2.32 3.40 0.11
N CYS A 33 1.21 2.99 -0.52
CA CYS A 33 1.20 1.73 -1.27
C CYS A 33 2.13 1.82 -2.45
N GLU A 34 2.05 2.93 -3.19
CA GLU A 34 2.87 3.09 -4.40
C GLU A 34 4.37 3.11 -4.07
N ARG A 35 4.74 3.87 -3.03
CA ARG A 35 6.14 3.97 -2.64
C ARG A 35 6.64 2.70 -1.96
N GLN A 36 5.81 2.18 -1.06
CA GLN A 36 6.15 0.99 -0.30
C GLN A 36 6.16 -0.25 -1.17
N TYR A 37 5.17 -0.34 -2.07
CA TYR A 37 5.03 -1.50 -2.95
C TYR A 37 6.29 -1.65 -3.80
N LYS A 38 6.71 -0.52 -4.41
CA LYS A 38 7.91 -0.50 -5.24
C LYS A 38 9.14 -0.82 -4.43
N GLU A 39 9.18 -0.31 -3.18
CA GLU A 39 10.31 -0.55 -2.29
C GLU A 39 10.46 -2.05 -2.02
N GLN A 40 9.32 -2.73 -1.80
CA GLN A 40 9.33 -4.17 -1.53
C GLN A 40 9.93 -4.90 -2.73
N GLN A 41 9.52 -4.49 -3.95
CA GLN A 41 10.02 -5.08 -5.17
C GLN A 41 9.95 -6.61 -5.13
N GLY A 42 8.77 -7.16 -5.41
CA GLY A 42 8.56 -8.61 -5.39
C GLY A 42 9.41 -9.29 -6.47
N ARG A 43 8.82 -9.49 -7.64
CA ARG A 43 9.52 -10.10 -8.78
C ARG A 43 8.65 -10.03 -10.05
N GLU A 44 8.19 -8.82 -10.36
CA GLU A 44 7.34 -8.58 -11.54
C GLU A 44 7.70 -7.26 -12.22
#